data_8DW3
#
_entry.id   8DW3
#
_cell.length_a   1.00
_cell.length_b   1.00
_cell.length_c   1.00
_cell.angle_alpha   90.00
_cell.angle_beta   90.00
_cell.angle_gamma   90.00
#
_symmetry.space_group_name_H-M   'P 1'
#
loop_
_entity.id
_entity.type
_entity.pdbx_description
1 polymer 'Anti-SARS-CoV-2 DARPin SR16m'
2 polymer 'Spike protein S1'
3 polymer 'Antibody S309 light chain'
4 polymer 'antibody S309 heavy chain'
5 polymer 'antibody CR3022 heavy chain'
6 polymer 'antibody CR3022 light chain'
7 branched beta-D-mannopyranose-(1-4)-2-acetamido-2-deoxy-beta-D-glucopyranose-(1-4)-2-acetamido-2-deoxy-beta-D-glucopyranose
#
loop_
_entity_poly.entity_id
_entity_poly.type
_entity_poly.pdbx_seq_one_letter_code
_entity_poly.pdbx_strand_id
1 'polypeptide(L)'
;GKKLLEAARAGQDDEVRILMANGADVNALDLFGVTPLHLAAERGHLEIVEVLLKNGADVNAGDAFGRTPLHLAALGGHLE
IVEVLLKNGADVNACDLYGVTPLHLAAGLGHLEIVEVLLKNGADVNAQDKFGKTAFDISIDNGNEDLAEILQSSSKLAAA
L
;
A
2 'polypeptide(L)'
;PNITNLCPFGEVFNATRFASVYAWNRKRISNCVADYSVLYNSASFSTFKCYGVSPTKLNDLCFTNVYADSFVIRGDEVRQ
IAPGQTGKIADYNYKLPDDFTGCVIAWNSNNLDSKVGGNYNYLYRLFRKSNLKPFERDISTEIYQAGSTPCNGVEGFNCY
FPLQSYGFQPTNGVGYQPYRVVVLSFELLHAPATVCG
;
B
3 'polypeptide(L)'
;EIVLTQSPGTLSLSPGERATLSCRASQTVSSTSLAWYQQKPGQAPRLLIYGASSRATGIPDRFSGSGSGTDFTLTISRLE
PEDFAVYYCQQHDTSLTFGGGTKVEIKRTVAAPSVFIFPPSDEQLKSGTASVVCLLNNFYPREAKVQWKVDNALQSGNSQ
ESVTEQDSKDSTYSLSSTLTLSKADYEKHKVYACEVTHQGLSSPVTKSFNRGEC
;
C
4 'polypeptide(L)'
;QVQLVQSGAEVKKPGASVKVSCKASGYPFTSYGISWVRQAPGQGLEWMGWISTYNGNTNYAQKFQGRVTMTTDTSTTTGY
MELRRLRSDDTAVYYCARDYTRGAWFGESLIGGFDNWGQGTLVTVSSASTKGPSVFPLAPSSKSTSGGTAALGCLVKDYF
PEPVTVSWNSGALTSGVHTFPAVLQSSGLYSLSSVVTVPSSSLGTQTYICNVNHKPSNTKVDKKVEPKSC
;
D
5 'polypeptide(L)'
;TQMQLVQSGTEVKKPGESLKISCKGSGYGFITYWIGWVRQMPGKGLEWMGIIYPGDSETRYSPSFQGQVTISADKSINTA
YLQWSSLKASDTAIYYCAGGSGISTPMDVWGQGTTVTVASTKGPSVFPLAPSSKSTSGGTAALGCLVKDYFPEPVTVSWN
SGALTSGVHTFPAVLQSSGLYSLSSVVTVPSSSLGTQTYICNVNHKPSNTKVDKKVEPKSC
;
H
6 'polypeptide(L)'
;DIQLTQSPDSLAVSLGERATINCKSSQSVLYSSINKNYLAWYQQKPGQPPKLLIYWASTRESGVPDRFSGSGSGTDFTLT
ISSLQAEDVAVYYCQQYYSTPYTFGQGTKVEIKRTVAAPSVFIFPPSDEQLKSGTASVVCLLNNFYPREAKVQWKVDNAL
QSGNSQESVTEQDSKDSTYSLSSTLTLSKADYEKHKVYACEVTHQGLSSPVTKSFNRGEC
;
L
#
loop_
_chem_comp.id
_chem_comp.type
_chem_comp.name
_chem_comp.formula
BMA D-saccharide, beta linking beta-D-mannopyranose 'C6 H12 O6'
NAG D-saccharide, beta linking 2-acetamido-2-deoxy-beta-D-glucopyranose 'C8 H15 N O6'
#
# COMPACT_ATOMS: atom_id res chain seq x y z
N GLY A 1 -44.00 2.12 28.35
CA GLY A 1 -43.05 1.77 27.31
C GLY A 1 -43.68 1.65 25.94
N LYS A 2 -43.62 0.46 25.35
CA LYS A 2 -44.20 0.22 24.04
C LYS A 2 -45.71 0.19 24.05
N LYS A 3 -46.34 -0.16 25.18
CA LYS A 3 -47.77 -0.46 25.21
C LYS A 3 -48.59 0.72 24.68
N LEU A 4 -48.23 1.94 25.10
CA LEU A 4 -48.99 3.12 24.69
C LEU A 4 -49.17 3.16 23.18
N LEU A 5 -48.15 2.75 22.43
CA LEU A 5 -48.25 2.70 20.98
C LEU A 5 -49.50 1.96 20.53
N GLU A 6 -49.62 0.67 20.89
CA GLU A 6 -50.84 -0.03 20.52
C GLU A 6 -52.03 0.48 21.29
N ALA A 7 -51.81 1.03 22.49
CA ALA A 7 -52.90 1.71 23.19
C ALA A 7 -53.41 2.89 22.38
N ALA A 8 -52.51 3.56 21.65
CA ALA A 8 -52.92 4.65 20.78
C ALA A 8 -53.89 4.16 19.71
N ARG A 9 -53.83 2.88 19.36
CA ARG A 9 -54.80 2.33 18.43
C ARG A 9 -56.19 2.32 19.05
N ALA A 10 -56.30 1.95 20.32
CA ALA A 10 -57.60 1.80 20.96
C ALA A 10 -58.16 3.11 21.51
N GLY A 11 -57.35 4.16 21.57
CA GLY A 11 -57.82 5.44 22.10
C GLY A 11 -58.21 5.38 23.56
N GLN A 12 -57.45 4.66 24.38
CA GLN A 12 -57.72 4.53 25.81
C GLN A 12 -56.85 5.56 26.55
N ASP A 13 -57.42 6.75 26.76
CA ASP A 13 -56.66 7.85 27.34
C ASP A 13 -56.26 7.56 28.79
N ASP A 14 -57.14 6.93 29.55
CA ASP A 14 -56.86 6.70 30.97
C ASP A 14 -55.66 5.78 31.16
N GLU A 15 -55.47 4.80 30.27
CA GLU A 15 -54.24 4.00 30.30
C GLU A 15 -53.02 4.87 30.06
N VAL A 16 -53.11 5.81 29.10
CA VAL A 16 -52.00 6.72 28.85
C VAL A 16 -51.67 7.53 30.10
N ARG A 17 -52.71 7.99 30.81
CA ARG A 17 -52.49 8.78 32.01
C ARG A 17 -51.82 7.96 33.10
N ILE A 18 -52.37 6.78 33.39
CA ILE A 18 -51.80 5.95 34.45
C ILE A 18 -50.39 5.51 34.08
N LEU A 19 -50.07 5.46 32.78
CA LEU A 19 -48.75 5.01 32.39
C LEU A 19 -47.71 6.13 32.46
N MET A 20 -48.03 7.34 31.99
CA MET A 20 -47.00 8.37 32.06
C MET A 20 -46.91 8.99 33.44
N ALA A 21 -47.92 8.78 34.29
CA ALA A 21 -47.81 9.23 35.68
C ALA A 21 -46.73 8.50 36.45
N ASN A 22 -46.36 7.29 36.03
CA ASN A 22 -45.35 6.50 36.71
C ASN A 22 -43.92 6.81 36.25
N GLY A 23 -43.76 7.65 35.24
CA GLY A 23 -42.43 8.00 34.76
C GLY A 23 -42.07 7.37 33.44
N ALA A 24 -43.07 7.11 32.61
CA ALA A 24 -42.82 6.56 31.28
C ALA A 24 -42.14 7.61 30.40
N ASP A 25 -41.30 7.13 29.49
CA ASP A 25 -40.55 8.03 28.61
C ASP A 25 -41.47 8.73 27.62
N VAL A 26 -41.09 9.95 27.24
CA VAL A 26 -41.94 10.78 26.39
C VAL A 26 -41.56 10.68 24.91
N ASN A 27 -40.39 10.13 24.59
CA ASN A 27 -39.88 10.09 23.23
C ASN A 27 -39.54 8.65 22.85
N ALA A 28 -40.46 7.72 23.11
CA ALA A 28 -40.20 6.30 22.91
C ALA A 28 -39.95 5.98 21.44
N LEU A 29 -39.01 5.06 21.22
CA LEU A 29 -38.77 4.50 19.89
C LEU A 29 -38.92 2.99 19.98
N ASP A 30 -39.75 2.44 19.09
CA ASP A 30 -40.05 1.02 19.09
C ASP A 30 -39.07 0.27 18.19
N LEU A 31 -39.42 -0.99 17.90
CA LEU A 31 -38.55 -1.83 17.07
C LEU A 31 -38.38 -1.21 15.69
N PHE A 32 -39.46 -0.68 15.11
CA PHE A 32 -39.39 0.01 13.83
C PHE A 32 -38.93 1.46 13.96
N GLY A 33 -38.78 1.96 15.18
CA GLY A 33 -38.31 3.32 15.39
C GLY A 33 -39.28 4.39 14.95
N VAL A 34 -40.58 4.19 15.16
CA VAL A 34 -41.58 5.20 14.85
C VAL A 34 -42.14 5.78 16.14
N THR A 35 -42.50 7.06 16.10
CA THR A 35 -43.02 7.83 17.22
C THR A 35 -44.53 7.67 17.34
N PRO A 36 -45.10 7.83 18.53
CA PRO A 36 -46.57 7.70 18.66
C PRO A 36 -47.33 8.77 17.90
N LEU A 37 -46.67 9.86 17.51
CA LEU A 37 -47.37 10.96 16.87
C LEU A 37 -47.97 10.55 15.53
N HIS A 38 -47.25 9.74 14.75
CA HIS A 38 -47.76 9.34 13.44
C HIS A 38 -49.04 8.51 13.58
N LEU A 39 -49.05 7.53 14.49
CA LEU A 39 -50.26 6.74 14.68
C LEU A 39 -51.39 7.59 15.27
N ALA A 40 -51.05 8.51 16.18
CA ALA A 40 -52.07 9.38 16.75
C ALA A 40 -52.73 10.24 15.68
N ALA A 41 -51.92 10.79 14.76
CA ALA A 41 -52.48 11.57 13.66
C ALA A 41 -53.27 10.69 12.71
N GLU A 42 -52.80 9.46 12.46
CA GLU A 42 -53.49 8.56 11.55
C GLU A 42 -54.88 8.20 12.07
N ARG A 43 -54.98 7.89 13.36
CA ARG A 43 -56.26 7.52 13.95
C ARG A 43 -57.10 8.72 14.37
N GLY A 44 -56.52 9.91 14.43
CA GLY A 44 -57.28 11.11 14.72
C GLY A 44 -57.94 11.14 16.08
N HIS A 45 -57.25 10.67 17.11
CA HIS A 45 -57.75 10.74 18.48
C HIS A 45 -57.33 12.08 19.06
N LEU A 46 -58.20 13.09 18.86
CA LEU A 46 -57.82 14.48 19.13
C LEU A 46 -57.42 14.69 20.59
N GLU A 47 -58.21 14.17 21.54
CA GLU A 47 -57.95 14.46 22.95
C GLU A 47 -56.61 13.90 23.39
N ILE A 48 -56.21 12.73 22.88
CA ILE A 48 -54.89 12.20 23.19
C ILE A 48 -53.80 13.12 22.66
N VAL A 49 -53.97 13.63 21.43
CA VAL A 49 -52.98 14.55 20.86
C VAL A 49 -52.82 15.77 21.75
N GLU A 50 -53.94 16.39 22.14
CA GLU A 50 -53.84 17.58 22.97
C GLU A 50 -53.21 17.29 24.34
N VAL A 51 -53.58 16.18 24.99
CA VAL A 51 -53.02 15.93 26.31
C VAL A 51 -51.52 15.65 26.20
N LEU A 52 -51.10 14.97 25.12
CA LEU A 52 -49.68 14.65 24.99
C LEU A 52 -48.87 15.90 24.64
N LEU A 53 -49.44 16.82 23.85
CA LEU A 53 -48.71 18.05 23.58
C LEU A 53 -48.78 19.04 24.75
N LYS A 54 -49.70 18.81 25.69
CA LYS A 54 -49.77 19.68 26.87
C LYS A 54 -48.47 19.64 27.65
N ASN A 55 -47.86 18.46 27.80
CA ASN A 55 -46.61 18.33 28.53
C ASN A 55 -45.40 18.64 27.68
N GLY A 56 -45.58 19.00 26.42
CA GLY A 56 -44.46 19.41 25.57
C GLY A 56 -43.76 18.27 24.87
N ALA A 57 -44.49 17.51 24.06
CA ALA A 57 -43.89 16.44 23.28
C ALA A 57 -43.04 17.01 22.15
N ASP A 58 -42.42 16.11 21.39
CA ASP A 58 -41.56 16.51 20.28
C ASP A 58 -42.37 17.02 19.10
N VAL A 59 -42.52 18.33 18.98
CA VAL A 59 -43.32 18.91 17.91
C VAL A 59 -42.60 18.87 16.57
N ASN A 60 -41.29 18.65 16.57
CA ASN A 60 -40.49 18.63 15.35
C ASN A 60 -39.90 17.26 15.09
N ALA A 61 -40.51 16.21 15.64
CA ALA A 61 -40.00 14.86 15.49
C ALA A 61 -40.10 14.38 14.04
N GLY A 62 -39.08 13.67 13.61
CA GLY A 62 -39.06 13.10 12.28
C GLY A 62 -38.44 11.72 12.28
N ASP A 63 -38.98 10.85 11.42
CA ASP A 63 -38.55 9.47 11.34
C ASP A 63 -37.40 9.35 10.33
N ALA A 64 -37.06 8.11 9.96
CA ALA A 64 -35.97 7.89 9.02
C ALA A 64 -36.29 8.45 7.63
N PHE A 65 -37.57 8.50 7.26
CA PHE A 65 -37.97 9.04 5.97
C PHE A 65 -38.27 10.54 6.04
N GLY A 66 -38.11 11.16 7.20
CA GLY A 66 -38.33 12.60 7.32
C GLY A 66 -39.78 13.03 7.40
N ARG A 67 -40.72 12.09 7.51
CA ARG A 67 -42.13 12.46 7.58
C ARG A 67 -42.43 13.18 8.88
N THR A 68 -43.45 14.02 8.84
CA THR A 68 -43.95 14.73 10.01
C THR A 68 -45.46 14.51 10.15
N PRO A 69 -46.00 14.53 11.38
CA PRO A 69 -47.41 14.18 11.56
C PRO A 69 -48.38 15.08 10.81
N LEU A 70 -48.01 16.32 10.52
CA LEU A 70 -48.93 17.23 9.84
C LEU A 70 -49.27 16.73 8.44
N HIS A 71 -48.31 16.11 7.75
CA HIS A 71 -48.58 15.59 6.41
C HIS A 71 -49.68 14.52 6.44
N LEU A 72 -49.53 13.51 7.30
CA LEU A 72 -50.55 12.46 7.39
C LEU A 72 -51.87 13.02 7.91
N ALA A 73 -51.80 13.98 8.84
CA ALA A 73 -53.02 14.58 9.37
C ALA A 73 -53.80 15.30 8.27
N ALA A 74 -53.10 16.05 7.41
CA ALA A 74 -53.78 16.71 6.30
C ALA A 74 -54.26 15.70 5.26
N LEU A 75 -53.50 14.62 5.06
CA LEU A 75 -53.90 13.59 4.10
C LEU A 75 -55.20 12.93 4.54
N GLY A 76 -55.32 12.62 5.83
CA GLY A 76 -56.53 11.98 6.31
C GLY A 76 -57.77 12.84 6.18
N GLY A 77 -57.60 14.16 6.33
CA GLY A 77 -58.73 15.07 6.29
C GLY A 77 -59.20 15.39 7.69
N HIS A 78 -58.25 15.66 8.59
CA HIS A 78 -58.53 15.88 10.00
C HIS A 78 -58.56 17.37 10.31
N LEU A 79 -59.60 17.81 11.02
CA LEU A 79 -59.82 19.23 11.25
C LEU A 79 -58.99 19.78 12.41
N GLU A 80 -59.23 19.28 13.62
CA GLU A 80 -58.67 19.91 14.82
C GLU A 80 -57.19 19.63 15.03
N ILE A 81 -56.71 18.45 14.59
CA ILE A 81 -55.32 18.08 14.86
C ILE A 81 -54.36 19.05 14.17
N VAL A 82 -54.63 19.38 12.91
CA VAL A 82 -53.72 20.25 12.18
C VAL A 82 -53.70 21.64 12.80
N GLU A 83 -54.86 22.16 13.20
CA GLU A 83 -54.86 23.50 13.77
C GLU A 83 -54.19 23.54 15.14
N VAL A 84 -54.39 22.52 15.98
CA VAL A 84 -53.71 22.55 17.29
C VAL A 84 -52.21 22.40 17.10
N LEU A 85 -51.79 21.55 16.16
CA LEU A 85 -50.36 21.42 15.88
C LEU A 85 -49.78 22.73 15.36
N LEU A 86 -50.54 23.46 14.55
CA LEU A 86 -50.08 24.77 14.09
C LEU A 86 -49.98 25.74 15.26
N LYS A 87 -50.96 25.71 16.18
CA LYS A 87 -50.95 26.62 17.32
C LYS A 87 -49.78 26.37 18.27
N ASN A 88 -49.46 25.11 18.58
CA ASN A 88 -48.39 24.88 19.55
C ASN A 88 -47.02 25.24 18.99
N GLY A 89 -46.90 25.35 17.66
CA GLY A 89 -45.67 25.85 17.08
C GLY A 89 -45.01 24.93 16.08
N ALA A 90 -45.77 24.03 15.47
CA ALA A 90 -45.21 23.17 14.43
C ALA A 90 -45.07 23.94 13.13
N ASP A 91 -43.97 23.69 12.43
CA ASP A 91 -43.71 24.37 11.17
C ASP A 91 -44.59 23.82 10.05
N VAL A 92 -44.81 24.64 9.02
CA VAL A 92 -45.61 24.23 7.88
C VAL A 92 -44.78 24.04 6.62
N ASN A 93 -43.63 24.70 6.51
CA ASN A 93 -42.75 24.58 5.35
C ASN A 93 -41.99 23.27 5.33
N ALA A 94 -42.03 22.50 6.43
CA ALA A 94 -41.24 21.28 6.55
C ALA A 94 -41.56 20.32 5.40
N CYS A 95 -40.51 19.77 4.80
CA CYS A 95 -40.61 18.85 3.68
C CYS A 95 -39.73 17.64 3.94
N ASP A 96 -40.13 16.49 3.40
CA ASP A 96 -39.36 15.26 3.59
C ASP A 96 -38.17 15.27 2.65
N LEU A 97 -37.44 14.14 2.62
CA LEU A 97 -36.28 14.05 1.74
C LEU A 97 -36.70 13.95 0.27
N TYR A 98 -37.94 13.53 0.01
CA TYR A 98 -38.48 13.57 -1.34
C TYR A 98 -39.10 14.93 -1.68
N GLY A 99 -39.16 15.84 -0.71
CA GLY A 99 -39.69 17.17 -0.98
C GLY A 99 -41.18 17.26 -1.16
N VAL A 100 -41.95 16.42 -0.44
CA VAL A 100 -43.40 16.49 -0.51
C VAL A 100 -43.89 17.59 0.43
N THR A 101 -44.93 18.30 0.01
CA THR A 101 -45.41 19.45 0.77
C THR A 101 -46.81 19.19 1.33
N PRO A 102 -47.15 19.81 2.46
CA PRO A 102 -48.51 19.66 3.00
C PRO A 102 -49.60 20.14 2.05
N LEU A 103 -49.30 21.11 1.19
CA LEU A 103 -50.29 21.57 0.23
C LEU A 103 -50.70 20.45 -0.73
N HIS A 104 -49.77 19.55 -1.05
CA HIS A 104 -50.11 18.39 -1.86
C HIS A 104 -51.14 17.52 -1.17
N LEU A 105 -50.95 17.29 0.14
CA LEU A 105 -51.93 16.52 0.89
C LEU A 105 -53.27 17.23 0.96
N ALA A 106 -53.24 18.56 1.14
CA ALA A 106 -54.48 19.33 1.19
C ALA A 106 -55.24 19.25 -0.12
N ALA A 107 -54.52 19.31 -1.24
CA ALA A 107 -55.16 19.24 -2.56
C ALA A 107 -55.52 17.80 -2.94
N GLY A 108 -54.98 16.82 -2.22
CA GLY A 108 -55.25 15.43 -2.57
C GLY A 108 -56.72 15.07 -2.50
N LEU A 109 -57.39 15.45 -1.42
CA LEU A 109 -58.80 15.12 -1.22
C LEU A 109 -59.70 16.34 -1.25
N GLY A 110 -59.18 17.49 -1.70
CA GLY A 110 -60.00 18.69 -1.76
C GLY A 110 -60.47 19.19 -0.42
N HIS A 111 -59.61 19.13 0.60
CA HIS A 111 -59.92 19.61 1.94
C HIS A 111 -59.62 21.10 1.96
N LEU A 112 -60.64 21.92 2.20
CA LEU A 112 -60.54 23.36 2.01
C LEU A 112 -60.04 24.10 3.24
N GLU A 113 -60.39 23.62 4.45
CA GLU A 113 -60.08 24.36 5.67
C GLU A 113 -58.57 24.50 5.86
N ILE A 114 -57.83 23.42 5.63
CA ILE A 114 -56.37 23.45 5.79
C ILE A 114 -55.76 24.51 4.88
N VAL A 115 -56.29 24.64 3.66
CA VAL A 115 -55.74 25.58 2.70
C VAL A 115 -55.59 26.96 3.33
N GLU A 116 -56.71 27.58 3.70
CA GLU A 116 -56.60 28.97 4.13
C GLU A 116 -56.06 29.08 5.57
N VAL A 117 -56.16 28.02 6.39
CA VAL A 117 -55.51 28.19 7.70
C VAL A 117 -54.01 28.29 7.52
N LEU A 118 -53.44 27.55 6.55
CA LEU A 118 -52.01 27.75 6.27
C LEU A 118 -51.75 29.04 5.50
N LEU A 119 -52.71 29.46 4.66
CA LEU A 119 -52.55 30.75 3.97
C LEU A 119 -52.48 31.91 4.96
N LYS A 120 -53.19 31.81 6.08
CA LYS A 120 -53.19 32.89 7.06
C LYS A 120 -51.80 33.12 7.66
N ASN A 121 -51.10 32.04 7.97
CA ASN A 121 -49.81 32.13 8.65
C ASN A 121 -48.62 32.07 7.70
N GLY A 122 -48.86 32.20 6.39
CA GLY A 122 -47.75 32.23 5.45
C GLY A 122 -47.44 30.91 4.79
N ALA A 123 -48.46 30.29 4.18
CA ALA A 123 -48.25 29.04 3.44
C ALA A 123 -47.22 29.23 2.34
N ASP A 124 -46.39 28.22 2.13
CA ASP A 124 -45.29 28.29 1.18
C ASP A 124 -45.79 28.05 -0.24
N VAL A 125 -45.15 28.71 -1.21
CA VAL A 125 -45.48 28.53 -2.62
C VAL A 125 -44.30 28.04 -3.43
N ASN A 126 -43.15 27.82 -2.79
CA ASN A 126 -41.91 27.44 -3.45
C ASN A 126 -41.70 25.93 -3.50
N ALA A 127 -42.74 25.15 -3.17
CA ALA A 127 -42.60 23.70 -3.10
C ALA A 127 -42.15 23.12 -4.44
N GLN A 128 -41.28 22.12 -4.37
CA GLN A 128 -40.58 21.57 -5.52
C GLN A 128 -40.68 20.06 -5.51
N ASP A 129 -41.25 19.49 -6.57
CA ASP A 129 -41.37 18.05 -6.73
C ASP A 129 -40.20 17.52 -7.55
N LYS A 130 -40.32 16.28 -8.03
CA LYS A 130 -39.28 15.70 -8.88
C LYS A 130 -38.98 16.59 -10.08
N PHE A 131 -40.00 17.22 -10.65
CA PHE A 131 -39.82 18.13 -11.78
C PHE A 131 -39.85 19.60 -11.37
N GLY A 132 -39.92 19.90 -10.08
CA GLY A 132 -40.01 21.28 -9.64
C GLY A 132 -41.40 21.86 -9.63
N LYS A 133 -42.44 21.04 -9.74
CA LYS A 133 -43.81 21.51 -9.71
C LYS A 133 -44.15 22.12 -8.35
N THR A 134 -44.88 23.23 -8.39
CA THR A 134 -45.37 23.91 -7.19
C THR A 134 -46.76 23.40 -6.83
N ALA A 135 -47.40 24.08 -5.89
CA ALA A 135 -48.70 23.65 -5.41
C ALA A 135 -49.80 23.81 -6.46
N PHE A 136 -49.61 24.70 -7.44
CA PHE A 136 -50.69 25.02 -8.38
C PHE A 136 -51.02 23.81 -9.25
N ASP A 137 -50.01 23.18 -9.85
CA ASP A 137 -50.27 22.09 -10.79
C ASP A 137 -50.87 20.89 -10.08
N ILE A 138 -50.33 20.51 -8.93
CA ILE A 138 -50.87 19.36 -8.20
C ILE A 138 -52.27 19.68 -7.69
N SER A 139 -52.51 20.93 -7.27
CA SER A 139 -53.83 21.32 -6.82
C SER A 139 -54.86 21.24 -7.93
N ILE A 140 -54.47 21.64 -9.15
CA ILE A 140 -55.42 21.62 -10.26
C ILE A 140 -55.51 20.25 -10.91
N ASP A 141 -54.58 19.34 -10.62
CA ASP A 141 -54.58 18.02 -11.26
C ASP A 141 -55.66 17.11 -10.69
N ASN A 142 -56.06 17.34 -9.44
CA ASN A 142 -57.00 16.45 -8.77
C ASN A 142 -58.42 16.55 -9.30
N GLY A 143 -58.67 17.36 -10.32
CA GLY A 143 -60.02 17.56 -10.84
C GLY A 143 -60.80 18.65 -10.15
N ASN A 144 -60.25 19.27 -9.11
CA ASN A 144 -60.89 20.38 -8.40
C ASN A 144 -60.08 21.64 -8.68
N GLU A 145 -60.45 22.37 -9.74
CA GLU A 145 -59.73 23.57 -10.12
C GLU A 145 -60.03 24.76 -9.20
N ASP A 146 -61.10 24.69 -8.41
CA ASP A 146 -61.43 25.79 -7.51
C ASP A 146 -60.37 25.98 -6.44
N LEU A 147 -59.77 24.89 -5.97
CA LEU A 147 -58.74 24.99 -4.94
C LEU A 147 -57.53 25.77 -5.45
N ALA A 148 -57.12 25.50 -6.69
CA ALA A 148 -55.92 26.14 -7.24
C ALA A 148 -56.08 27.65 -7.31
N GLU A 149 -57.28 28.12 -7.62
CA GLU A 149 -57.52 29.56 -7.72
C GLU A 149 -57.29 30.25 -6.38
N ILE A 150 -57.55 29.57 -5.27
CA ILE A 150 -57.35 30.16 -3.96
C ILE A 150 -55.89 30.50 -3.74
N LEU A 151 -55.00 29.54 -4.03
CA LEU A 151 -53.57 29.82 -3.87
C LEU A 151 -53.05 30.77 -4.95
N GLN A 152 -53.63 30.72 -6.15
CA GLN A 152 -53.21 31.63 -7.21
C GLN A 152 -53.52 33.08 -6.83
N SER A 153 -54.71 33.33 -6.26
CA SER A 153 -55.07 34.68 -5.85
C SER A 153 -54.26 35.16 -4.66
N SER A 154 -53.79 34.24 -3.82
CA SER A 154 -52.97 34.60 -2.66
C SER A 154 -51.51 34.84 -3.02
N SER A 155 -51.11 34.53 -4.25
CA SER A 155 -49.72 34.73 -4.66
C SER A 155 -49.63 35.80 -5.74
N LEU B 6 1.26 -16.99 -7.41
CA LEU B 6 0.95 -18.19 -8.19
C LEU B 6 -0.55 -18.32 -8.36
N CYS B 7 -1.32 -17.61 -7.56
CA CYS B 7 -2.76 -17.68 -7.55
C CYS B 7 -3.36 -16.28 -7.62
N PRO B 8 -4.64 -16.17 -8.03
CA PRO B 8 -5.19 -14.86 -8.39
C PRO B 8 -5.34 -13.90 -7.22
N PHE B 9 -4.22 -13.30 -6.80
CA PHE B 9 -4.29 -12.15 -5.92
C PHE B 9 -4.43 -10.83 -6.68
N GLY B 10 -3.77 -10.71 -7.84
CA GLY B 10 -3.89 -9.47 -8.60
C GLY B 10 -5.28 -9.23 -9.15
N GLU B 11 -5.89 -10.27 -9.73
CA GLU B 11 -7.12 -10.07 -10.49
C GLU B 11 -8.29 -9.63 -9.63
N VAL B 12 -8.24 -9.83 -8.32
CA VAL B 12 -9.30 -9.33 -7.46
C VAL B 12 -8.99 -7.90 -6.97
N PHE B 13 -7.71 -7.59 -6.75
CA PHE B 13 -7.35 -6.25 -6.29
C PHE B 13 -7.32 -5.26 -7.44
N ASN B 14 -6.70 -5.66 -8.55
CA ASN B 14 -5.93 -4.76 -9.40
C ASN B 14 -6.68 -4.45 -10.68
N ALA B 15 -8.00 -4.69 -10.69
CA ALA B 15 -8.88 -4.58 -11.84
C ALA B 15 -9.58 -3.22 -11.86
N THR B 16 -10.63 -3.12 -12.67
CA THR B 16 -11.31 -1.86 -12.92
C THR B 16 -12.76 -1.82 -12.47
N ARG B 17 -13.52 -2.89 -12.64
CA ARG B 17 -14.94 -2.89 -12.29
C ARG B 17 -15.16 -3.47 -10.91
N PHE B 18 -15.74 -2.67 -10.00
CA PHE B 18 -16.14 -3.11 -8.68
C PHE B 18 -17.64 -2.89 -8.51
N ALA B 19 -18.35 -3.95 -8.15
CA ALA B 19 -19.79 -3.85 -7.97
C ALA B 19 -20.13 -3.06 -6.72
N SER B 20 -21.38 -2.60 -6.65
CA SER B 20 -21.84 -1.80 -5.52
C SER B 20 -22.01 -2.69 -4.29
N VAL B 21 -22.34 -2.05 -3.16
CA VAL B 21 -22.35 -2.73 -1.88
C VAL B 21 -23.44 -3.79 -1.83
N TYR B 22 -24.65 -3.45 -2.30
CA TYR B 22 -25.80 -4.31 -2.09
C TYR B 22 -25.66 -5.68 -2.74
N ALA B 23 -24.81 -5.79 -3.77
CA ALA B 23 -24.61 -7.04 -4.50
C ALA B 23 -23.12 -7.32 -4.64
N TRP B 24 -22.40 -7.24 -3.52
CA TRP B 24 -20.95 -7.39 -3.56
C TRP B 24 -20.58 -8.80 -4.03
N ASN B 25 -19.33 -8.91 -4.50
CA ASN B 25 -18.86 -10.12 -5.15
C ASN B 25 -18.00 -10.95 -4.19
N ARG B 26 -18.17 -12.26 -4.25
CA ARG B 26 -17.30 -13.20 -3.57
C ARG B 26 -16.25 -13.70 -4.56
N LYS B 27 -15.08 -14.08 -4.03
CA LYS B 27 -14.00 -14.66 -4.84
C LYS B 27 -13.26 -15.66 -3.94
N ARG B 28 -13.38 -16.93 -4.28
CA ARG B 28 -12.70 -17.99 -3.54
C ARG B 28 -11.37 -18.30 -4.19
N ILE B 29 -10.30 -18.25 -3.40
CA ILE B 29 -8.95 -18.48 -3.89
C ILE B 29 -8.31 -19.57 -3.03
N SER B 30 -7.77 -20.60 -3.68
CA SER B 30 -7.15 -21.72 -2.99
C SER B 30 -6.26 -22.48 -3.98
N ASN B 31 -5.65 -23.55 -3.48
CA ASN B 31 -4.78 -24.41 -4.28
C ASN B 31 -3.64 -23.61 -4.92
N CYS B 32 -2.89 -22.93 -4.06
CA CYS B 32 -1.77 -22.11 -4.51
C CYS B 32 -0.78 -21.95 -3.37
N VAL B 33 0.22 -21.11 -3.59
CA VAL B 33 1.09 -20.60 -2.54
C VAL B 33 1.04 -19.08 -2.61
N ALA B 34 0.64 -18.44 -1.52
CA ALA B 34 0.35 -17.01 -1.53
C ALA B 34 1.57 -16.22 -1.07
N ASP B 35 1.94 -15.21 -1.87
CA ASP B 35 3.08 -14.35 -1.56
C ASP B 35 2.54 -13.03 -1.03
N TYR B 36 2.40 -12.96 0.30
CA TYR B 36 1.87 -11.76 0.94
C TYR B 36 2.85 -10.61 0.96
N SER B 37 4.11 -10.83 0.54
CA SER B 37 5.11 -9.78 0.60
C SER B 37 4.73 -8.55 -0.22
N VAL B 38 3.88 -8.70 -1.23
CA VAL B 38 3.45 -7.56 -2.03
C VAL B 38 2.37 -6.75 -1.30
N LEU B 39 1.62 -7.39 -0.41
CA LEU B 39 0.57 -6.74 0.35
C LEU B 39 1.08 -6.05 1.61
N TYR B 40 2.39 -5.79 1.69
CA TYR B 40 2.99 -5.22 2.90
C TYR B 40 3.36 -3.76 2.72
N ASN B 41 4.17 -3.47 1.70
CA ASN B 41 4.84 -2.19 1.55
C ASN B 41 4.54 -1.55 0.20
N SER B 42 3.32 -1.76 -0.31
CA SER B 42 2.90 -1.09 -1.53
C SER B 42 2.63 0.39 -1.32
N ALA B 43 2.60 0.86 -0.08
CA ALA B 43 2.47 2.26 0.30
C ALA B 43 1.17 2.88 -0.18
N SER B 44 0.23 2.09 -0.70
CA SER B 44 -1.04 2.61 -1.17
C SER B 44 -2.22 2.18 -0.33
N PHE B 45 -2.09 1.09 0.44
CA PHE B 45 -3.19 0.61 1.29
C PHE B 45 -3.16 1.41 2.58
N SER B 46 -3.92 2.51 2.61
CA SER B 46 -3.87 3.44 3.72
C SER B 46 -4.52 2.92 5.00
N THR B 47 -5.27 1.81 4.92
CA THR B 47 -5.98 1.29 6.08
C THR B 47 -5.84 -0.23 6.15
N PHE B 48 -4.62 -0.73 5.96
CA PHE B 48 -4.45 -2.17 6.12
C PHE B 48 -4.52 -2.49 7.61
N LYS B 49 -5.72 -2.78 8.09
CA LYS B 49 -5.99 -3.09 9.48
C LYS B 49 -6.42 -4.55 9.51
N CYS B 50 -5.71 -5.39 10.26
CA CYS B 50 -5.82 -6.82 10.01
C CYS B 50 -5.88 -7.54 11.34
N TYR B 51 -7.06 -8.11 11.66
CA TYR B 51 -7.39 -8.62 12.97
C TYR B 51 -7.03 -10.10 13.11
N GLY B 52 -7.17 -10.60 14.34
CA GLY B 52 -7.22 -12.02 14.61
C GLY B 52 -5.91 -12.76 14.46
N VAL B 53 -5.33 -12.70 13.27
CA VAL B 53 -4.11 -13.41 12.94
C VAL B 53 -3.15 -12.41 12.30
N SER B 54 -1.92 -12.38 12.80
CA SER B 54 -0.93 -11.45 12.29
C SER B 54 -0.55 -11.82 10.86
N PRO B 55 -0.22 -10.84 10.02
CA PRO B 55 0.24 -11.18 8.67
C PRO B 55 1.67 -11.68 8.64
N THR B 56 2.51 -11.24 9.57
CA THR B 56 3.96 -11.44 9.45
C THR B 56 4.32 -12.92 9.39
N LYS B 57 4.02 -13.68 10.43
CA LYS B 57 4.49 -15.07 10.57
C LYS B 57 3.36 -16.07 10.33
N LEU B 58 2.46 -15.77 9.40
CA LEU B 58 1.48 -16.75 8.99
C LEU B 58 2.00 -17.67 7.89
N ASN B 59 3.20 -17.42 7.37
CA ASN B 59 3.74 -18.24 6.29
C ASN B 59 3.88 -19.70 6.73
N ASP B 60 4.13 -19.94 8.01
CA ASP B 60 4.11 -21.30 8.52
C ASP B 60 2.71 -21.90 8.44
N LEU B 61 1.70 -21.11 8.76
CA LEU B 61 0.32 -21.58 8.75
C LEU B 61 -0.21 -21.67 7.31
N CYS B 62 -1.14 -22.60 7.10
CA CYS B 62 -1.75 -22.77 5.80
C CYS B 62 -3.05 -23.56 5.96
N PHE B 63 -4.14 -23.02 5.42
CA PHE B 63 -5.44 -23.66 5.52
C PHE B 63 -6.31 -23.21 4.35
N THR B 64 -7.40 -23.94 4.14
CA THR B 64 -8.31 -23.68 3.04
C THR B 64 -9.20 -22.47 3.35
N ASN B 65 -10.22 -22.24 2.51
CA ASN B 65 -11.27 -21.26 2.76
C ASN B 65 -10.68 -19.86 2.95
N VAL B 66 -10.17 -19.33 1.84
CA VAL B 66 -9.47 -18.05 1.82
C VAL B 66 -10.39 -17.04 1.16
N TYR B 67 -11.70 -17.19 1.41
CA TYR B 67 -12.76 -16.31 0.93
C TYR B 67 -12.32 -14.85 0.90
N ALA B 68 -12.55 -14.20 -0.23
CA ALA B 68 -12.16 -12.80 -0.41
C ALA B 68 -13.35 -12.03 -1.00
N ASP B 69 -13.83 -11.02 -0.29
CA ASP B 69 -14.91 -10.17 -0.77
C ASP B 69 -14.36 -8.79 -1.11
N SER B 70 -15.07 -8.07 -1.98
CA SER B 70 -14.58 -6.77 -2.42
C SER B 70 -15.77 -5.91 -2.84
N PHE B 71 -15.62 -4.61 -2.63
CA PHE B 71 -16.65 -3.65 -3.03
C PHE B 71 -16.08 -2.23 -2.94
N VAL B 72 -16.94 -1.26 -3.18
CA VAL B 72 -16.61 0.17 -3.08
C VAL B 72 -17.60 0.81 -2.12
N ILE B 73 -17.11 1.70 -1.26
CA ILE B 73 -17.91 2.22 -0.16
C ILE B 73 -17.43 3.64 0.11
N ARG B 74 -18.33 4.48 0.63
CA ARG B 74 -18.02 5.87 0.93
C ARG B 74 -16.83 5.96 1.87
N GLY B 75 -16.09 7.08 1.77
CA GLY B 75 -14.84 7.21 2.49
C GLY B 75 -15.00 7.29 4.00
N ASP B 76 -15.92 8.14 4.47
CA ASP B 76 -16.03 8.38 5.91
C ASP B 76 -16.42 7.11 6.66
N GLU B 77 -17.35 6.33 6.13
CA GLU B 77 -17.82 5.12 6.77
C GLU B 77 -16.93 3.91 6.47
N VAL B 78 -15.67 4.14 6.10
CA VAL B 78 -14.71 3.04 6.01
C VAL B 78 -14.36 2.53 7.40
N ARG B 79 -14.39 3.40 8.42
CA ARG B 79 -14.13 2.96 9.78
C ARG B 79 -15.23 2.03 10.28
N GLN B 80 -16.48 2.30 9.89
CA GLN B 80 -17.61 1.53 10.37
C GLN B 80 -17.49 0.04 10.05
N ILE B 81 -16.78 -0.31 8.98
CA ILE B 81 -16.54 -1.72 8.70
C ILE B 81 -15.51 -2.24 9.71
N ALA B 82 -15.93 -3.22 10.51
CA ALA B 82 -15.13 -3.79 11.59
C ALA B 82 -15.91 -4.94 12.22
N PRO B 83 -15.26 -5.79 13.00
CA PRO B 83 -16.01 -6.81 13.75
C PRO B 83 -16.76 -6.23 14.94
N GLY B 84 -18.09 -6.38 14.94
CA GLY B 84 -18.88 -5.99 16.08
C GLY B 84 -19.22 -4.52 16.20
N GLN B 85 -18.86 -3.71 15.20
CA GLN B 85 -19.14 -2.28 15.21
C GLN B 85 -20.32 -2.00 14.29
N THR B 86 -21.32 -1.30 14.81
CA THR B 86 -22.58 -1.08 14.10
C THR B 86 -22.72 0.37 13.69
N GLY B 87 -23.68 0.62 12.81
CA GLY B 87 -23.94 1.95 12.29
C GLY B 87 -24.87 1.97 11.10
N LYS B 88 -24.50 2.71 10.05
CA LYS B 88 -25.35 2.85 8.88
C LYS B 88 -25.20 1.64 7.96
N ILE B 89 -23.99 1.44 7.43
CA ILE B 89 -23.74 0.33 6.52
C ILE B 89 -23.69 -0.99 7.28
N ALA B 90 -23.12 -0.99 8.48
CA ALA B 90 -22.89 -2.24 9.21
C ALA B 90 -24.21 -2.94 9.53
N ASP B 91 -25.24 -2.20 9.90
CA ASP B 91 -26.48 -2.81 10.36
C ASP B 91 -27.40 -3.25 9.22
N TYR B 92 -27.14 -2.83 7.98
CA TYR B 92 -28.15 -3.03 6.93
C TYR B 92 -27.64 -3.77 5.70
N ASN B 93 -26.37 -3.58 5.33
CA ASN B 93 -25.85 -4.15 4.11
C ASN B 93 -24.75 -5.18 4.35
N TYR B 94 -23.71 -4.82 5.08
CA TYR B 94 -22.59 -5.71 5.39
C TYR B 94 -22.31 -5.68 6.87
N LYS B 95 -22.25 -6.85 7.50
CA LYS B 95 -21.91 -6.94 8.91
C LYS B 95 -20.95 -8.11 9.12
N LEU B 96 -19.73 -7.78 9.53
CA LEU B 96 -18.69 -8.79 9.72
C LEU B 96 -18.95 -9.54 11.01
N PRO B 97 -18.94 -10.87 11.01
CA PRO B 97 -19.22 -11.62 12.24
C PRO B 97 -18.21 -11.34 13.33
N ASP B 98 -18.67 -11.39 14.57
CA ASP B 98 -17.78 -11.27 15.71
C ASP B 98 -16.94 -12.54 15.84
N ASP B 99 -16.12 -12.58 16.89
CA ASP B 99 -15.07 -13.59 17.06
C ASP B 99 -14.38 -13.86 15.72
N PHE B 100 -13.99 -12.78 15.07
CA PHE B 100 -13.48 -12.83 13.70
C PHE B 100 -12.10 -13.46 13.66
N THR B 101 -11.76 -13.97 12.48
CA THR B 101 -10.38 -14.35 12.17
C THR B 101 -9.94 -13.76 10.84
N GLY B 102 -10.73 -12.87 10.26
CA GLY B 102 -10.40 -12.28 8.98
C GLY B 102 -9.54 -11.05 9.12
N CYS B 103 -9.49 -10.25 8.05
CA CYS B 103 -8.48 -9.23 7.95
C CYS B 103 -8.81 -8.31 6.77
N VAL B 104 -8.84 -7.00 6.99
CA VAL B 104 -9.48 -6.06 6.06
C VAL B 104 -8.42 -5.19 5.40
N ILE B 105 -8.76 -4.69 4.20
CA ILE B 105 -7.90 -3.82 3.41
C ILE B 105 -8.77 -2.75 2.76
N ALA B 106 -8.30 -1.51 2.75
CA ALA B 106 -9.04 -0.44 2.12
C ALA B 106 -8.08 0.62 1.61
N TRP B 107 -8.48 1.31 0.55
CA TRP B 107 -7.64 2.38 0.02
C TRP B 107 -8.46 3.34 -0.82
N ASN B 108 -7.94 4.56 -0.97
CA ASN B 108 -8.61 5.59 -1.75
C ASN B 108 -8.42 5.33 -3.24
N SER B 109 -9.51 5.51 -4.01
CA SER B 109 -9.47 5.37 -5.46
C SER B 109 -10.28 6.48 -6.12
N ASN B 110 -10.12 7.71 -5.63
CA ASN B 110 -10.85 8.85 -6.19
C ASN B 110 -10.35 9.22 -7.57
N ASN B 111 -9.14 8.79 -7.95
CA ASN B 111 -8.55 9.22 -9.21
C ASN B 111 -9.34 8.71 -10.41
N LEU B 112 -9.89 7.50 -10.33
CA LEU B 112 -10.53 6.89 -11.47
C LEU B 112 -12.03 6.66 -11.31
N ASP B 113 -12.50 6.34 -10.11
CA ASP B 113 -13.93 6.10 -9.88
C ASP B 113 -14.65 7.37 -9.42
N SER B 114 -14.50 8.45 -10.18
CA SER B 114 -15.21 9.70 -9.92
C SER B 114 -15.12 10.57 -11.16
N LYS B 115 -16.27 10.93 -11.72
CA LYS B 115 -16.34 11.69 -12.96
C LYS B 115 -17.18 12.94 -12.77
N VAL B 116 -17.03 13.88 -13.71
CA VAL B 116 -17.81 15.10 -13.68
C VAL B 116 -19.28 14.77 -13.88
N GLY B 117 -20.14 15.44 -13.11
CA GLY B 117 -21.56 15.19 -13.15
C GLY B 117 -22.04 14.08 -12.24
N GLY B 118 -21.14 13.38 -11.56
CA GLY B 118 -21.54 12.33 -10.64
C GLY B 118 -21.74 10.98 -11.29
N ASN B 119 -21.15 9.94 -10.71
CA ASN B 119 -21.29 8.57 -11.21
C ASN B 119 -22.48 7.93 -10.50
N TYR B 120 -23.66 8.06 -11.11
CA TYR B 120 -24.89 7.51 -10.53
C TYR B 120 -25.10 6.06 -10.95
N ASN B 121 -24.08 5.22 -10.76
CA ASN B 121 -24.17 3.81 -11.05
C ASN B 121 -24.00 2.94 -9.81
N TYR B 122 -23.73 3.53 -8.65
CA TYR B 122 -23.38 2.80 -7.44
C TYR B 122 -24.49 3.02 -6.41
N LEU B 123 -25.44 2.09 -6.35
CA LEU B 123 -26.58 2.18 -5.46
C LEU B 123 -26.28 1.42 -4.15
N TYR B 124 -27.19 1.55 -3.19
CA TYR B 124 -27.03 0.81 -1.95
C TYR B 124 -28.35 0.80 -1.19
N ARG B 125 -28.54 -0.24 -0.38
CA ARG B 125 -29.76 -0.34 0.42
C ARG B 125 -29.59 0.34 1.77
N LEU B 126 -30.67 0.96 2.24
CA LEU B 126 -30.67 1.58 3.56
C LEU B 126 -31.90 1.31 4.40
N PHE B 127 -32.94 0.66 3.86
CA PHE B 127 -34.05 0.16 4.66
C PHE B 127 -34.11 -1.36 4.60
N ARG B 128 -34.49 -1.97 5.72
CA ARG B 128 -34.74 -3.40 5.77
C ARG B 128 -35.55 -3.71 7.03
N LYS B 129 -36.63 -4.46 6.86
CA LYS B 129 -37.47 -4.82 8.00
C LYS B 129 -36.72 -5.73 8.97
N SER B 130 -36.04 -6.74 8.45
CA SER B 130 -35.27 -7.66 9.25
C SER B 130 -33.79 -7.24 9.26
N ASN B 131 -32.93 -8.10 9.81
CA ASN B 131 -31.50 -7.88 9.85
C ASN B 131 -30.79 -8.97 9.07
N LEU B 132 -29.46 -8.97 9.15
CA LEU B 132 -28.62 -9.83 8.32
C LEU B 132 -27.89 -10.85 9.18
N LYS B 133 -27.93 -12.11 8.75
CA LYS B 133 -27.08 -13.13 9.34
C LYS B 133 -25.64 -12.93 8.86
N PRO B 134 -24.65 -13.41 9.60
CA PRO B 134 -23.26 -13.12 9.24
C PRO B 134 -22.85 -13.76 7.92
N PHE B 135 -22.02 -13.03 7.18
CA PHE B 135 -21.49 -13.49 5.89
C PHE B 135 -22.61 -13.82 4.91
N GLU B 136 -23.63 -12.97 4.88
CA GLU B 136 -24.79 -13.17 4.02
C GLU B 136 -25.08 -11.90 3.24
N ARG B 137 -25.58 -12.07 2.02
CA ARG B 137 -25.97 -10.96 1.16
C ARG B 137 -27.33 -11.26 0.55
N ASP B 138 -28.23 -10.27 0.59
CA ASP B 138 -29.56 -10.40 0.02
C ASP B 138 -29.75 -9.23 -0.94
N ILE B 139 -30.22 -9.52 -2.15
CA ILE B 139 -30.50 -8.50 -3.15
C ILE B 139 -31.94 -8.65 -3.63
N SER B 140 -32.72 -7.58 -3.53
CA SER B 140 -34.09 -7.56 -4.02
C SER B 140 -34.59 -6.12 -4.11
N THR B 141 -35.07 -5.72 -5.29
CA THR B 141 -35.57 -4.36 -5.50
C THR B 141 -37.07 -4.24 -5.23
N GLU B 142 -37.62 -5.13 -4.41
CA GLU B 142 -39.04 -5.05 -4.09
C GLU B 142 -39.35 -3.78 -3.31
N ILE B 143 -40.41 -3.10 -3.71
CA ILE B 143 -40.77 -1.82 -3.11
C ILE B 143 -41.49 -2.07 -1.79
N TYR B 144 -41.62 -1.01 -1.00
CA TYR B 144 -42.31 -1.05 0.27
C TYR B 144 -43.56 -0.18 0.20
N GLN B 145 -44.69 -0.75 0.59
CA GLN B 145 -45.95 -0.01 0.73
C GLN B 145 -45.90 0.73 2.07
N ALA B 146 -45.78 2.06 2.02
CA ALA B 146 -45.62 2.83 3.24
C ALA B 146 -46.93 2.92 4.03
N GLY B 147 -48.04 3.17 3.35
CA GLY B 147 -49.29 3.39 4.05
C GLY B 147 -50.38 2.40 3.74
N SER B 148 -51.63 2.87 3.69
CA SER B 148 -52.79 2.01 3.47
C SER B 148 -53.29 2.08 2.03
N THR B 149 -52.51 2.65 1.11
CA THR B 149 -52.93 2.76 -0.27
C THR B 149 -52.31 1.63 -1.09
N PRO B 150 -53.11 0.71 -1.64
CA PRO B 150 -52.56 -0.36 -2.49
C PRO B 150 -51.69 0.20 -3.62
N CYS B 151 -50.45 -0.27 -3.71
CA CYS B 151 -49.50 0.19 -4.71
C CYS B 151 -49.14 -0.94 -5.65
N ASN B 152 -49.24 -0.70 -6.95
CA ASN B 152 -48.88 -1.71 -7.94
C ASN B 152 -47.45 -1.52 -8.44
N GLY B 153 -47.18 -0.39 -9.10
CA GLY B 153 -45.84 -0.11 -9.58
C GLY B 153 -45.47 1.36 -9.58
N VAL B 154 -46.34 2.19 -9.00
CA VAL B 154 -46.17 3.64 -9.04
C VAL B 154 -45.32 4.06 -7.85
N GLU B 155 -44.62 5.18 -7.99
CA GLU B 155 -43.84 5.77 -6.92
C GLU B 155 -44.58 6.99 -6.39
N GLY B 156 -44.63 7.11 -5.08
CA GLY B 156 -45.35 8.21 -4.47
C GLY B 156 -45.15 8.27 -2.97
N PHE B 157 -46.04 9.01 -2.32
CA PHE B 157 -45.95 9.21 -0.87
C PHE B 157 -46.07 7.91 -0.09
N ASN B 158 -46.73 6.90 -0.64
CA ASN B 158 -46.94 5.64 0.05
C ASN B 158 -46.16 4.47 -0.55
N CYS B 159 -45.37 4.70 -1.60
CA CYS B 159 -44.60 3.66 -2.25
C CYS B 159 -43.13 4.06 -2.24
N TYR B 160 -42.27 3.18 -1.72
CA TYR B 160 -40.88 3.53 -1.50
C TYR B 160 -39.96 2.49 -2.13
N PHE B 161 -38.86 2.98 -2.74
CA PHE B 161 -37.84 2.12 -3.30
C PHE B 161 -36.74 1.95 -2.26
N PRO B 162 -36.44 0.72 -1.83
CA PRO B 162 -35.43 0.55 -0.75
C PRO B 162 -34.05 1.06 -1.11
N LEU B 163 -33.64 0.96 -2.37
CA LEU B 163 -32.28 1.34 -2.74
C LEU B 163 -32.19 2.84 -3.00
N GLN B 164 -31.04 3.42 -2.66
CA GLN B 164 -30.76 4.83 -2.84
C GLN B 164 -29.44 4.99 -3.57
N SER B 165 -29.30 6.13 -4.25
CA SER B 165 -28.18 6.38 -5.15
C SER B 165 -27.09 7.19 -4.45
N TYR B 166 -25.84 6.76 -4.63
CA TYR B 166 -24.70 7.55 -4.21
C TYR B 166 -24.43 8.70 -5.17
N GLY B 167 -23.85 9.76 -4.63
CA GLY B 167 -23.38 10.86 -5.45
C GLY B 167 -21.89 11.08 -5.27
N PHE B 168 -21.11 10.81 -6.31
CA PHE B 168 -19.65 10.88 -6.24
C PHE B 168 -19.18 12.10 -7.00
N GLN B 169 -18.39 12.95 -6.33
CA GLN B 169 -17.92 14.19 -6.93
C GLN B 169 -16.43 14.38 -6.64
N PRO B 170 -15.68 14.98 -7.55
CA PRO B 170 -14.26 15.23 -7.27
C PRO B 170 -14.03 16.40 -6.33
N THR B 171 -14.83 17.45 -6.43
CA THR B 171 -14.70 18.62 -5.58
C THR B 171 -15.12 18.35 -4.14
N ASN B 172 -15.91 17.30 -3.90
CA ASN B 172 -16.49 17.02 -2.60
C ASN B 172 -15.40 16.76 -1.56
N GLY B 173 -15.83 16.64 -0.30
CA GLY B 173 -14.92 16.65 0.82
C GLY B 173 -14.02 15.43 0.89
N VAL B 174 -13.04 15.53 1.79
CA VAL B 174 -12.05 14.46 1.94
C VAL B 174 -12.72 13.16 2.38
N GLY B 175 -13.63 13.25 3.35
CA GLY B 175 -14.32 12.06 3.81
C GLY B 175 -15.38 11.53 2.88
N TYR B 176 -15.71 12.28 1.82
CA TYR B 176 -16.75 11.88 0.89
C TYR B 176 -16.23 11.20 -0.37
N GLN B 177 -14.95 11.33 -0.68
CA GLN B 177 -14.40 10.66 -1.86
C GLN B 177 -14.47 9.15 -1.67
N PRO B 178 -14.81 8.40 -2.71
CA PRO B 178 -15.05 6.96 -2.55
C PRO B 178 -13.77 6.21 -2.22
N TYR B 179 -13.93 5.13 -1.45
CA TYR B 179 -12.86 4.21 -1.10
C TYR B 179 -13.21 2.83 -1.62
N ARG B 180 -12.20 2.00 -1.83
CA ARG B 180 -12.40 0.60 -2.21
C ARG B 180 -11.94 -0.29 -1.07
N VAL B 181 -12.68 -1.38 -0.86
CA VAL B 181 -12.45 -2.28 0.26
C VAL B 181 -12.38 -3.71 -0.24
N VAL B 182 -11.43 -4.47 0.27
CA VAL B 182 -11.38 -5.92 0.10
C VAL B 182 -11.17 -6.56 1.48
N VAL B 183 -11.99 -7.56 1.79
CA VAL B 183 -11.99 -8.21 3.09
C VAL B 183 -11.62 -9.67 2.87
N LEU B 184 -10.52 -10.11 3.47
CA LEU B 184 -10.18 -11.51 3.48
C LEU B 184 -10.66 -12.14 4.77
N SER B 185 -10.95 -13.44 4.72
CA SER B 185 -11.41 -14.16 5.90
C SER B 185 -10.89 -15.59 5.81
N PHE B 186 -9.77 -15.85 6.49
CA PHE B 186 -9.18 -17.17 6.52
C PHE B 186 -9.87 -18.00 7.59
N GLU B 187 -10.65 -18.99 7.18
CA GLU B 187 -11.29 -19.91 8.09
C GLU B 187 -10.89 -21.33 7.70
N LEU B 188 -11.01 -22.25 8.66
CA LEU B 188 -10.63 -23.63 8.44
C LEU B 188 -11.63 -24.55 9.13
N LEU B 189 -11.41 -25.86 8.99
CA LEU B 189 -12.30 -26.87 9.53
C LEU B 189 -11.49 -27.83 10.39
N HIS B 190 -12.17 -28.85 10.91
CA HIS B 190 -11.55 -29.83 11.79
C HIS B 190 -11.04 -31.05 11.04
N ALA B 191 -11.57 -31.33 9.85
CA ALA B 191 -11.17 -32.51 9.11
C ALA B 191 -9.69 -32.41 8.72
N PRO B 192 -8.88 -33.44 9.03
CA PRO B 192 -7.45 -33.38 8.67
C PRO B 192 -7.23 -33.64 7.18
N ALA B 193 -5.96 -33.74 6.78
CA ALA B 193 -5.59 -33.84 5.37
C ALA B 193 -6.15 -32.67 4.58
N THR B 194 -6.13 -31.49 5.18
CA THR B 194 -6.68 -30.28 4.56
C THR B 194 -5.64 -29.64 3.65
N VAL B 195 -6.10 -29.16 2.50
CA VAL B 195 -5.20 -28.50 1.55
C VAL B 195 -4.62 -27.24 2.19
N CYS B 196 -3.32 -27.04 1.99
CA CYS B 196 -2.65 -25.86 2.51
C CYS B 196 -2.57 -24.77 1.44
N GLY B 197 -1.93 -23.66 1.77
CA GLY B 197 -1.79 -22.55 0.85
C GLY B 197 -0.63 -21.64 1.22
N GLU C 1 -14.47 -1.49 -31.63
CA GLU C 1 -15.85 -1.03 -31.78
C GLU C 1 -15.94 0.47 -31.56
N ILE C 2 -14.80 1.10 -31.28
CA ILE C 2 -14.69 2.53 -31.07
C ILE C 2 -13.72 3.10 -32.09
N VAL C 3 -14.12 4.16 -32.77
CA VAL C 3 -13.26 4.81 -33.74
C VAL C 3 -12.25 5.68 -33.00
N LEU C 4 -10.97 5.47 -33.29
CA LEU C 4 -9.88 6.21 -32.63
C LEU C 4 -8.99 6.82 -33.70
N THR C 5 -8.94 8.15 -33.74
CA THR C 5 -8.05 8.89 -34.62
C THR C 5 -7.21 9.82 -33.76
N GLN C 6 -5.89 9.68 -33.83
CA GLN C 6 -5.01 10.51 -33.00
C GLN C 6 -4.88 11.91 -33.60
N SER C 7 -4.29 12.00 -34.80
CA SER C 7 -4.12 13.21 -35.60
C SER C 7 -3.25 14.24 -34.89
N PRO C 8 -2.29 14.85 -35.59
CA PRO C 8 -1.86 14.56 -36.97
C PRO C 8 -0.99 13.32 -37.01
N GLY C 9 -0.77 12.73 -38.19
CA GLY C 9 0.11 11.58 -38.28
C GLY C 9 1.58 11.89 -38.13
N THR C 10 1.97 13.17 -38.25
CA THR C 10 3.35 13.59 -38.09
C THR C 10 3.38 14.91 -37.34
N LEU C 11 4.24 14.99 -36.33
CA LEU C 11 4.39 16.19 -35.52
C LEU C 11 5.88 16.47 -35.31
N SER C 12 6.63 16.47 -36.42
CA SER C 12 8.06 16.67 -36.38
C SER C 12 8.43 17.93 -35.59
N LEU C 13 9.29 17.76 -34.60
CA LEU C 13 9.66 18.84 -33.68
C LEU C 13 11.17 18.88 -33.51
N SER C 14 11.66 20.07 -33.19
CA SER C 14 13.09 20.29 -33.03
C SER C 14 13.59 19.62 -31.75
N PRO C 15 14.89 19.32 -31.69
CA PRO C 15 15.43 18.63 -30.50
C PRO C 15 15.34 19.48 -29.25
N GLY C 16 15.29 18.79 -28.11
CA GLY C 16 15.21 19.44 -26.82
C GLY C 16 13.90 20.16 -26.56
N GLU C 17 12.78 19.56 -26.94
CA GLU C 17 11.48 20.18 -26.72
C GLU C 17 10.51 19.21 -26.06
N ARG C 18 9.24 19.61 -25.96
CA ARG C 18 8.19 18.79 -25.39
C ARG C 18 7.13 18.51 -26.45
N ALA C 19 6.50 17.33 -26.34
CA ALA C 19 5.49 16.90 -27.29
C ALA C 19 4.25 16.49 -26.54
N THR C 20 3.10 17.07 -26.90
CA THR C 20 1.81 16.72 -26.30
C THR C 20 1.00 15.96 -27.34
N LEU C 21 1.21 14.65 -27.37
CA LEU C 21 0.48 13.79 -28.30
C LEU C 21 -0.92 13.51 -27.76
N SER C 22 -1.87 13.39 -28.68
CA SER C 22 -3.28 13.28 -28.31
C SER C 22 -3.88 12.00 -28.88
N CYS C 23 -4.88 11.47 -28.15
CA CYS C 23 -5.65 10.31 -28.58
C CYS C 23 -7.09 10.56 -28.17
N ARG C 24 -8.00 10.59 -29.14
CA ARG C 24 -9.39 10.97 -28.93
C ARG C 24 -10.30 9.94 -29.59
N ALA C 25 -11.33 9.52 -28.87
CA ALA C 25 -12.28 8.52 -29.32
C ALA C 25 -13.63 9.16 -29.63
N SER C 26 -14.60 8.31 -29.97
CA SER C 26 -15.95 8.77 -30.26
C SER C 26 -16.84 8.68 -29.03
N GLN C 27 -16.98 7.48 -28.45
CA GLN C 27 -17.77 7.30 -27.24
C GLN C 27 -16.93 7.70 -26.02
N THR C 28 -17.43 7.40 -24.83
CA THR C 28 -16.74 7.73 -23.60
C THR C 28 -16.04 6.50 -23.03
N VAL C 29 -14.90 6.74 -22.39
CA VAL C 29 -14.12 5.67 -21.76
C VAL C 29 -13.41 6.27 -20.56
N SER C 30 -13.40 5.54 -19.45
CA SER C 30 -12.82 6.03 -18.21
C SER C 30 -11.29 6.12 -18.35
N SER C 31 -10.65 6.60 -17.29
CA SER C 31 -9.20 6.79 -17.26
C SER C 31 -8.46 5.53 -16.83
N THR C 32 -9.06 4.36 -17.01
CA THR C 32 -8.47 3.11 -16.53
C THR C 32 -8.08 2.14 -17.63
N SER C 33 -8.51 2.37 -18.87
CA SER C 33 -8.40 1.34 -19.90
C SER C 33 -7.84 1.89 -21.20
N LEU C 34 -6.74 2.63 -21.12
CA LEU C 34 -6.01 2.99 -22.33
C LEU C 34 -4.53 3.12 -22.01
N ALA C 35 -3.71 2.52 -22.88
CA ALA C 35 -2.27 2.45 -22.69
C ALA C 35 -1.56 2.99 -23.93
N TRP C 36 -0.37 3.54 -23.72
CA TRP C 36 0.45 4.08 -24.79
C TRP C 36 1.63 3.15 -25.05
N TYR C 37 1.83 2.81 -26.32
CA TYR C 37 2.91 1.94 -26.75
C TYR C 37 3.86 2.69 -27.67
N GLN C 38 5.12 2.26 -27.67
CA GLN C 38 6.15 2.86 -28.50
C GLN C 38 6.68 1.83 -29.50
N GLN C 39 7.03 2.31 -30.69
CA GLN C 39 7.50 1.47 -31.79
C GLN C 39 8.77 2.10 -32.37
N LYS C 40 9.92 1.59 -31.95
CA LYS C 40 11.18 2.10 -32.43
C LYS C 40 11.44 1.63 -33.86
N PRO C 41 12.10 2.45 -34.67
CA PRO C 41 12.36 2.05 -36.06
C PRO C 41 13.25 0.81 -36.12
N GLY C 42 12.88 -0.09 -37.03
CA GLY C 42 13.63 -1.33 -37.20
C GLY C 42 13.68 -2.20 -35.97
N GLN C 43 12.74 -2.03 -35.04
CA GLN C 43 12.77 -2.75 -33.78
C GLN C 43 11.43 -3.37 -33.45
N ALA C 44 11.27 -3.86 -32.21
CA ALA C 44 10.10 -4.47 -31.61
C ALA C 44 9.42 -3.47 -30.67
N PRO C 45 8.10 -3.56 -30.50
CA PRO C 45 7.39 -2.58 -29.65
C PRO C 45 7.70 -2.73 -28.18
N ARG C 46 7.10 -1.87 -27.36
CA ARG C 46 7.32 -1.86 -25.92
C ARG C 46 6.05 -1.36 -25.24
N LEU C 47 6.17 -1.00 -23.96
CA LEU C 47 5.09 -0.36 -23.22
C LEU C 47 5.61 0.94 -22.62
N LEU C 48 4.76 1.96 -22.61
CA LEU C 48 5.14 3.27 -22.09
C LEU C 48 4.33 3.66 -20.85
N ILE C 49 3.01 3.64 -20.96
CA ILE C 49 2.11 4.10 -19.90
C ILE C 49 1.01 3.06 -19.73
N TYR C 50 0.78 2.64 -18.48
CA TYR C 50 -0.33 1.76 -18.15
C TYR C 50 -1.29 2.50 -17.24
N GLY C 51 -2.58 2.18 -17.38
CA GLY C 51 -3.59 2.87 -16.60
C GLY C 51 -3.80 4.32 -16.98
N ALA C 52 -3.23 4.76 -18.09
CA ALA C 52 -3.42 6.10 -18.65
C ALA C 52 -2.78 7.19 -17.81
N SER C 53 -2.21 6.85 -16.65
CA SER C 53 -1.55 7.86 -15.83
C SER C 53 -0.20 7.46 -15.27
N SER C 54 0.11 6.17 -15.12
CA SER C 54 1.33 5.74 -14.46
C SER C 54 2.29 5.11 -15.47
N ARG C 55 3.44 4.66 -14.97
CA ARG C 55 4.50 4.12 -15.81
C ARG C 55 4.83 2.70 -15.36
N ALA C 56 5.34 1.91 -16.31
CA ALA C 56 5.68 0.52 -16.04
C ALA C 56 7.05 0.45 -15.35
N THR C 57 7.60 -0.76 -15.27
CA THR C 57 8.87 -0.95 -14.58
C THR C 57 10.01 -0.31 -15.36
N GLY C 58 10.81 0.51 -14.68
CA GLY C 58 12.02 1.07 -15.25
C GLY C 58 11.80 1.99 -16.43
N ILE C 59 10.85 2.93 -16.32
CA ILE C 59 10.59 3.92 -17.34
C ILE C 59 10.92 5.28 -16.74
N PRO C 60 11.68 6.13 -17.44
CA PRO C 60 12.06 7.43 -16.88
C PRO C 60 10.84 8.30 -16.59
N ASP C 61 11.09 9.40 -15.89
CA ASP C 61 10.04 10.30 -15.43
C ASP C 61 9.62 11.32 -16.48
N ARG C 62 10.27 11.33 -17.66
CA ARG C 62 9.89 12.26 -18.70
C ARG C 62 8.56 11.93 -19.34
N PHE C 63 8.12 10.68 -19.25
CA PHE C 63 6.86 10.25 -19.86
C PHE C 63 5.73 10.42 -18.86
N SER C 64 4.79 11.30 -19.18
CA SER C 64 3.62 11.51 -18.34
C SER C 64 2.36 11.36 -19.19
N GLY C 65 1.30 10.86 -18.56
CA GLY C 65 0.03 10.70 -19.24
C GLY C 65 -1.10 11.28 -18.43
N SER C 66 -2.07 11.85 -19.13
CA SER C 66 -3.22 12.47 -18.50
C SER C 66 -4.40 12.41 -19.45
N GLY C 67 -5.52 12.95 -19.00
CA GLY C 67 -6.73 12.99 -19.79
C GLY C 67 -7.83 12.12 -19.21
N SER C 68 -9.03 12.35 -19.70
CA SER C 68 -10.24 11.69 -19.22
C SER C 68 -11.35 11.97 -20.22
N GLY C 69 -12.58 11.60 -19.84
CA GLY C 69 -13.71 11.86 -20.71
C GLY C 69 -13.57 11.20 -22.06
N THR C 70 -13.31 12.02 -23.08
CA THR C 70 -13.10 11.53 -24.44
C THR C 70 -11.73 11.83 -25.00
N ASP C 71 -10.84 12.47 -24.23
CA ASP C 71 -9.55 12.88 -24.75
C ASP C 71 -8.44 12.50 -23.77
N PHE C 72 -7.35 11.95 -24.29
CA PHE C 72 -6.17 11.61 -23.51
C PHE C 72 -4.93 12.19 -24.18
N THR C 73 -3.91 12.46 -23.38
CA THR C 73 -2.74 13.18 -23.87
C THR C 73 -1.48 12.70 -23.14
N LEU C 74 -0.42 12.46 -23.92
CA LEU C 74 0.88 12.08 -23.40
C LEU C 74 1.86 13.22 -23.59
N THR C 75 2.57 13.57 -22.52
CA THR C 75 3.55 14.65 -22.51
C THR C 75 4.93 14.06 -22.24
N ILE C 76 5.91 14.50 -23.03
CA ILE C 76 7.27 13.97 -22.95
C ILE C 76 8.23 14.93 -22.26
N SER C 77 7.92 16.23 -22.25
CA SER C 77 8.72 17.26 -21.55
C SER C 77 10.10 17.40 -22.16
N ARG C 78 10.97 16.41 -21.94
CA ARG C 78 12.35 16.47 -22.41
C ARG C 78 12.55 15.45 -23.52
N LEU C 79 13.31 15.83 -24.55
CA LEU C 79 13.47 15.04 -25.76
C LEU C 79 14.95 14.67 -25.93
N GLU C 80 15.31 13.47 -25.51
CA GLU C 80 16.60 12.89 -25.83
C GLU C 80 16.59 12.37 -27.27
N PRO C 81 17.77 12.12 -27.86
CA PRO C 81 17.79 11.67 -29.24
C PRO C 81 17.71 10.15 -29.43
N GLU C 82 17.17 9.44 -28.43
CA GLU C 82 16.80 8.04 -28.58
C GLU C 82 15.30 7.84 -28.47
N ASP C 83 14.53 8.92 -28.39
CA ASP C 83 13.08 8.87 -28.18
C ASP C 83 12.32 9.24 -29.43
N PHE C 84 12.79 8.83 -30.60
CA PHE C 84 12.13 9.09 -31.87
C PHE C 84 11.56 7.79 -32.40
N ALA C 85 10.23 7.66 -32.34
CA ALA C 85 9.57 6.40 -32.64
C ALA C 85 8.09 6.67 -32.86
N VAL C 86 7.38 5.62 -33.28
CA VAL C 86 5.94 5.73 -33.49
C VAL C 86 5.24 5.54 -32.15
N TYR C 87 4.13 6.25 -31.96
CA TYR C 87 3.36 6.20 -30.71
C TYR C 87 1.96 5.72 -30.99
N TYR C 88 1.53 4.69 -30.25
CA TYR C 88 0.19 4.11 -30.42
C TYR C 88 -0.61 4.29 -29.13
N CYS C 89 -1.89 4.60 -29.27
CA CYS C 89 -2.83 4.62 -28.16
C CYS C 89 -3.78 3.44 -28.33
N GLN C 90 -3.96 2.67 -27.26
CA GLN C 90 -4.72 1.42 -27.33
C GLN C 90 -5.74 1.38 -26.20
N GLN C 91 -6.97 0.99 -26.53
CA GLN C 91 -8.05 0.84 -25.57
C GLN C 91 -8.35 -0.64 -25.37
N HIS C 92 -8.84 -0.97 -24.17
CA HIS C 92 -9.25 -2.35 -23.90
C HIS C 92 -10.53 -2.44 -23.06
N ASP C 93 -11.29 -1.36 -22.93
CA ASP C 93 -12.49 -1.37 -22.10
C ASP C 93 -13.53 -2.36 -22.64
N THR C 94 -13.87 -2.23 -23.91
CA THR C 94 -14.79 -3.15 -24.60
C THR C 94 -14.06 -3.65 -25.84
N SER C 95 -13.74 -4.94 -25.87
CA SER C 95 -12.80 -5.48 -26.84
C SER C 95 -11.52 -4.67 -26.78
N LEU C 96 -10.88 -4.43 -27.93
CA LEU C 96 -9.68 -3.60 -27.97
C LEU C 96 -9.32 -3.17 -29.38
N THR C 97 -9.11 -1.86 -29.57
CA THR C 97 -8.76 -1.29 -30.85
C THR C 97 -7.49 -0.45 -30.69
N PHE C 98 -6.50 -0.72 -31.54
CA PHE C 98 -5.27 0.05 -31.51
C PHE C 98 -5.43 1.36 -32.29
N GLY C 99 -4.56 2.31 -31.98
CA GLY C 99 -4.58 3.61 -32.63
C GLY C 99 -3.95 3.57 -34.01
N GLY C 100 -3.81 4.75 -34.58
CA GLY C 100 -3.28 4.88 -35.93
C GLY C 100 -1.78 5.08 -36.01
N GLY C 101 -1.16 5.42 -34.87
CA GLY C 101 0.27 5.63 -34.84
C GLY C 101 0.68 7.00 -35.30
N THR C 102 1.61 7.63 -34.57
CA THR C 102 2.12 8.96 -34.90
C THR C 102 3.64 8.90 -35.01
N LYS C 103 4.18 9.55 -36.03
CA LYS C 103 5.61 9.61 -36.27
C LYS C 103 6.11 11.02 -36.00
N VAL C 104 7.16 11.12 -35.18
CA VAL C 104 7.75 12.40 -34.82
C VAL C 104 9.19 12.42 -35.31
N GLU C 105 9.54 13.45 -36.08
CA GLU C 105 10.83 13.53 -36.76
C GLU C 105 11.57 14.80 -36.37
N ILE C 106 12.81 14.90 -36.83
CA ILE C 106 13.67 16.04 -36.54
C ILE C 106 13.19 17.25 -37.34
N LYS C 107 13.06 18.39 -36.67
CA LYS C 107 12.73 19.65 -37.32
C LYS C 107 14.02 20.45 -37.48
N ARG C 108 14.39 20.72 -38.73
CA ARG C 108 15.63 21.43 -39.04
C ARG C 108 15.35 22.44 -40.15
N THR C 109 16.43 23.01 -40.69
CA THR C 109 16.32 24.09 -41.66
C THR C 109 15.81 23.57 -43.00
N VAL C 110 15.75 24.47 -43.98
CA VAL C 110 15.35 24.09 -45.32
C VAL C 110 16.47 23.30 -46.00
N ALA C 111 16.11 22.64 -47.10
CA ALA C 111 17.04 21.80 -47.84
C ALA C 111 16.95 22.10 -49.32
N ALA C 112 18.04 21.84 -50.03
CA ALA C 112 18.10 22.05 -51.47
C ALA C 112 18.26 20.71 -52.18
N PRO C 113 17.19 20.16 -52.77
CA PRO C 113 17.30 18.87 -53.43
C PRO C 113 18.20 18.93 -54.66
N SER C 114 18.88 17.83 -54.92
CA SER C 114 19.67 17.64 -56.13
C SER C 114 19.14 16.43 -56.89
N VAL C 115 18.99 16.57 -58.19
CA VAL C 115 18.32 15.57 -59.02
C VAL C 115 19.31 15.02 -60.05
N PHE C 116 19.29 13.71 -60.23
CA PHE C 116 20.04 13.01 -61.27
C PHE C 116 19.10 12.10 -62.05
N ILE C 117 19.43 11.87 -63.32
CA ILE C 117 18.60 11.05 -64.21
C ILE C 117 19.50 10.04 -64.91
N PHE C 118 19.03 8.79 -65.02
CA PHE C 118 19.83 7.75 -65.64
C PHE C 118 18.97 6.91 -66.58
N PRO C 119 19.41 6.74 -67.83
CA PRO C 119 18.79 5.77 -68.73
C PRO C 119 19.50 4.43 -68.64
N PRO C 120 18.94 3.37 -69.22
CA PRO C 120 19.58 2.06 -69.16
C PRO C 120 20.51 1.80 -70.35
N SER C 121 21.29 0.72 -70.22
CA SER C 121 22.18 0.27 -71.28
C SER C 121 21.49 -0.78 -72.15
N ASP C 122 22.13 -1.10 -73.27
CA ASP C 122 21.55 -2.02 -74.25
C ASP C 122 21.51 -3.46 -73.76
N GLU C 123 22.23 -3.81 -72.69
CA GLU C 123 22.20 -5.17 -72.18
C GLU C 123 20.80 -5.56 -71.75
N GLN C 124 20.08 -4.66 -71.06
CA GLN C 124 18.69 -4.94 -70.74
C GLN C 124 17.77 -4.64 -71.91
N LEU C 125 18.28 -3.96 -72.94
CA LEU C 125 17.49 -3.77 -74.16
C LEU C 125 17.38 -5.07 -74.95
N LYS C 126 18.42 -5.92 -74.90
CA LYS C 126 18.29 -7.24 -75.48
C LYS C 126 17.18 -8.05 -74.81
N SER C 127 16.90 -7.77 -73.54
CA SER C 127 15.80 -8.42 -72.84
C SER C 127 14.48 -7.74 -73.22
N GLY C 128 13.38 -8.25 -72.66
CA GLY C 128 12.05 -7.77 -72.98
C GLY C 128 11.52 -6.62 -72.14
N THR C 129 12.34 -6.04 -71.26
CA THR C 129 11.90 -4.96 -70.40
C THR C 129 12.95 -3.86 -70.37
N ALA C 130 12.52 -2.66 -70.01
CA ALA C 130 13.40 -1.51 -69.88
C ALA C 130 13.00 -0.69 -68.67
N SER C 131 13.97 0.04 -68.13
CA SER C 131 13.73 0.83 -66.93
C SER C 131 14.61 2.08 -66.95
N VAL C 132 14.07 3.18 -66.42
CA VAL C 132 14.78 4.44 -66.29
C VAL C 132 14.63 4.94 -64.86
N VAL C 133 15.61 5.70 -64.40
CA VAL C 133 15.72 6.06 -62.99
C VAL C 133 15.87 7.57 -62.84
N CYS C 134 15.20 8.13 -61.85
CA CYS C 134 15.46 9.49 -61.37
C CYS C 134 15.71 9.46 -59.88
N LEU C 135 16.65 10.26 -59.42
CA LEU C 135 17.09 10.24 -58.02
C LEU C 135 17.10 11.66 -57.48
N LEU C 136 16.48 11.85 -56.32
CA LEU C 136 16.49 13.13 -55.62
C LEU C 136 17.17 12.97 -54.28
N ASN C 137 18.03 13.92 -53.93
CA ASN C 137 18.81 13.84 -52.71
C ASN C 137 18.73 15.15 -51.94
N ASN C 138 18.84 15.04 -50.61
CA ASN C 138 18.96 16.18 -49.71
C ASN C 138 17.76 17.13 -49.82
N PHE C 139 16.59 16.61 -49.45
CA PHE C 139 15.37 17.39 -49.46
C PHE C 139 14.65 17.26 -48.13
N TYR C 140 13.85 18.27 -47.80
CA TYR C 140 13.11 18.37 -46.56
C TYR C 140 11.81 19.14 -46.81
N PRO C 141 10.64 18.57 -46.52
CA PRO C 141 10.36 17.25 -45.96
C PRO C 141 10.15 16.17 -47.02
N ARG C 142 9.52 15.06 -46.62
CA ARG C 142 9.30 13.94 -47.52
C ARG C 142 8.46 14.33 -48.72
N GLU C 143 7.56 15.29 -48.56
CA GLU C 143 6.60 15.61 -49.63
C GLU C 143 7.31 16.28 -50.80
N ALA C 144 7.24 15.64 -51.96
CA ALA C 144 7.78 16.18 -53.20
C ALA C 144 7.07 15.51 -54.36
N LYS C 145 7.14 16.14 -55.54
CA LYS C 145 6.43 15.66 -56.72
C LYS C 145 7.42 15.30 -57.81
N VAL C 146 7.23 14.14 -58.43
CA VAL C 146 8.08 13.66 -59.52
C VAL C 146 7.18 13.10 -60.60
N GLN C 147 7.35 13.58 -61.84
CA GLN C 147 6.59 13.09 -62.98
C GLN C 147 7.52 12.84 -64.15
N TRP C 148 7.06 11.98 -65.07
CA TRP C 148 7.79 11.61 -66.26
C TRP C 148 7.14 12.23 -67.49
N LYS C 149 7.86 12.15 -68.61
CA LYS C 149 7.36 12.69 -69.88
C LYS C 149 8.01 11.89 -71.01
N VAL C 150 7.23 11.01 -71.62
CA VAL C 150 7.67 10.26 -72.79
C VAL C 150 7.25 11.05 -74.01
N ASP C 151 8.20 11.81 -74.57
CA ASP C 151 7.92 12.79 -75.64
C ASP C 151 6.84 13.78 -75.19
N ASN C 152 6.99 14.28 -73.96
CA ASN C 152 6.07 15.26 -73.37
C ASN C 152 4.64 14.73 -73.35
N ALA C 153 4.49 13.49 -72.89
CA ALA C 153 3.18 12.86 -72.77
C ALA C 153 2.96 12.38 -71.34
N LEU C 154 1.69 12.37 -70.93
CA LEU C 154 1.33 11.94 -69.59
C LEU C 154 1.32 10.42 -69.51
N GLN C 155 1.92 9.87 -68.46
CA GLN C 155 1.96 8.44 -68.24
C GLN C 155 1.38 8.11 -66.87
N SER C 156 0.80 6.92 -66.76
CA SER C 156 0.23 6.46 -65.51
C SER C 156 0.32 4.94 -65.45
N GLY C 157 0.40 4.41 -64.24
CA GLY C 157 0.49 2.98 -64.04
C GLY C 157 1.81 2.35 -64.41
N ASN C 158 2.85 3.16 -64.61
CA ASN C 158 4.16 2.64 -65.02
C ASN C 158 5.29 3.31 -64.26
N SER C 159 4.99 3.91 -63.10
CA SER C 159 5.99 4.59 -62.30
C SER C 159 5.91 4.10 -60.85
N GLN C 160 7.07 4.05 -60.20
CA GLN C 160 7.13 3.65 -58.79
C GLN C 160 8.07 4.60 -58.07
N GLU C 161 7.77 4.87 -56.80
CA GLU C 161 8.54 5.79 -55.98
C GLU C 161 8.89 5.14 -54.65
N SER C 162 10.08 5.48 -54.14
CA SER C 162 10.51 4.95 -52.85
C SER C 162 11.38 5.97 -52.14
N VAL C 163 11.34 5.93 -50.80
CA VAL C 163 12.08 6.86 -49.95
C VAL C 163 12.59 6.10 -48.75
N THR C 164 13.79 6.46 -48.27
CA THR C 164 14.37 5.83 -47.10
C THR C 164 13.92 6.54 -45.83
N GLU C 165 14.19 5.91 -44.69
CA GLU C 165 13.84 6.48 -43.40
C GLU C 165 14.74 7.67 -43.08
N GLN C 166 14.51 8.27 -41.92
CA GLN C 166 15.31 9.40 -41.48
C GLN C 166 16.76 8.96 -41.27
N ASP C 167 17.69 9.75 -41.79
CA ASP C 167 19.11 9.41 -41.69
C ASP C 167 19.62 9.81 -40.30
N SER C 168 20.48 8.96 -39.74
CA SER C 168 20.97 9.15 -38.39
C SER C 168 22.19 10.06 -38.30
N LYS C 169 22.81 10.42 -39.42
CA LYS C 169 24.02 11.24 -39.41
C LYS C 169 23.81 12.65 -39.93
N ASP C 170 22.83 12.86 -40.81
CA ASP C 170 22.57 14.19 -41.36
C ASP C 170 21.09 14.58 -41.31
N SER C 171 20.19 13.63 -41.05
CA SER C 171 18.75 13.88 -41.01
C SER C 171 18.26 14.44 -42.35
N THR C 172 18.40 13.62 -43.38
CA THR C 172 18.01 14.01 -44.74
C THR C 172 17.14 12.93 -45.36
N TYR C 173 16.87 13.05 -46.66
CA TYR C 173 16.03 12.10 -47.38
C TYR C 173 16.61 11.83 -48.75
N SER C 174 16.20 10.71 -49.33
CA SER C 174 16.64 10.32 -50.67
C SER C 174 15.50 9.55 -51.35
N LEU C 175 15.05 10.05 -52.49
CA LEU C 175 13.93 9.47 -53.21
C LEU C 175 14.39 8.88 -54.53
N SER C 176 13.83 7.73 -54.88
CA SER C 176 14.08 7.08 -56.16
C SER C 176 12.77 6.89 -56.90
N SER C 177 12.73 7.30 -58.16
CA SER C 177 11.58 7.12 -59.03
C SER C 177 12.02 6.23 -60.19
N THR C 178 11.43 5.05 -60.29
CA THR C 178 11.76 4.07 -61.32
C THR C 178 10.57 3.91 -62.26
N LEU C 179 10.83 4.05 -63.55
CA LEU C 179 9.82 3.82 -64.58
C LEU C 179 10.20 2.58 -65.35
N THR C 180 9.29 1.60 -65.42
CA THR C 180 9.49 0.39 -66.18
C THR C 180 8.55 0.37 -67.37
N LEU C 181 8.99 -0.30 -68.44
CA LEU C 181 8.22 -0.31 -69.68
C LEU C 181 8.65 -1.51 -70.52
N SER C 182 7.84 -1.80 -71.53
CA SER C 182 8.11 -2.91 -72.43
C SER C 182 9.17 -2.52 -73.46
N LYS C 183 9.83 -3.55 -74.01
CA LYS C 183 10.86 -3.32 -75.01
C LYS C 183 10.27 -2.75 -76.30
N ALA C 184 9.11 -3.25 -76.72
CA ALA C 184 8.56 -2.89 -78.02
C ALA C 184 8.26 -1.41 -78.12
N ASP C 185 7.69 -0.83 -77.06
CA ASP C 185 7.35 0.59 -77.08
C ASP C 185 8.53 1.47 -76.72
N TYR C 186 9.68 0.90 -76.35
CA TYR C 186 10.83 1.71 -75.99
C TYR C 186 11.48 2.34 -77.22
N GLU C 187 11.63 1.58 -78.30
CA GLU C 187 12.29 2.11 -79.49
C GLU C 187 11.41 3.07 -80.28
N LYS C 188 10.12 3.16 -79.97
CA LYS C 188 9.24 4.03 -80.73
C LYS C 188 9.47 5.51 -80.40
N HIS C 189 9.90 5.81 -79.17
CA HIS C 189 10.12 7.18 -78.73
C HIS C 189 11.59 7.39 -78.39
N LYS C 190 12.05 8.62 -78.55
CA LYS C 190 13.45 8.98 -78.40
C LYS C 190 13.71 9.94 -77.26
N VAL C 191 12.95 11.02 -77.16
CA VAL C 191 13.18 12.05 -76.15
C VAL C 191 12.46 11.66 -74.87
N TYR C 192 13.20 11.66 -73.76
CA TYR C 192 12.63 11.31 -72.46
C TYR C 192 12.94 12.40 -71.45
N ALA C 193 11.94 12.81 -70.68
CA ALA C 193 12.08 13.89 -69.71
C ALA C 193 11.58 13.44 -68.35
N CYS C 194 12.16 14.02 -67.31
CA CYS C 194 11.82 13.70 -65.93
C CYS C 194 11.82 14.99 -65.14
N GLU C 195 10.66 15.42 -64.67
CA GLU C 195 10.49 16.71 -64.01
C GLU C 195 10.18 16.51 -62.54
N VAL C 196 10.86 17.28 -61.70
CA VAL C 196 10.67 17.22 -60.26
C VAL C 196 10.32 18.62 -59.75
N THR C 197 9.39 18.68 -58.80
CA THR C 197 8.98 19.92 -58.16
C THR C 197 8.95 19.70 -56.66
N HIS C 198 9.55 20.63 -55.92
CA HIS C 198 9.58 20.58 -54.46
C HIS C 198 9.40 21.98 -53.92
N GLN C 199 8.83 22.07 -52.72
CA GLN C 199 8.64 23.36 -52.09
C GLN C 199 9.98 24.03 -51.77
N GLY C 200 10.97 23.24 -51.40
CA GLY C 200 12.29 23.78 -51.09
C GLY C 200 13.11 24.16 -52.31
N LEU C 201 12.61 23.92 -53.52
CA LEU C 201 13.30 24.26 -54.75
C LEU C 201 12.45 25.25 -55.54
N SER C 202 13.07 26.37 -55.93
CA SER C 202 12.32 27.44 -56.59
C SER C 202 11.76 26.98 -57.94
N SER C 203 12.61 26.42 -58.79
CA SER C 203 12.20 26.11 -60.15
C SER C 203 11.82 24.64 -60.31
N PRO C 204 10.96 24.30 -61.28
CA PRO C 204 10.64 22.96 -61.59
C PRO C 204 11.63 22.30 -62.56
N VAL C 205 12.78 21.92 -62.00
CA VAL C 205 13.90 21.47 -62.81
C VAL C 205 13.52 20.19 -63.55
N THR C 206 13.77 20.18 -64.85
CA THR C 206 13.44 19.07 -65.73
C THR C 206 14.71 18.54 -66.37
N LYS C 207 14.90 17.24 -66.35
CA LYS C 207 16.03 16.59 -66.97
C LYS C 207 15.54 15.86 -68.21
N SER C 208 15.92 16.36 -69.39
CA SER C 208 15.51 15.78 -70.65
C SER C 208 16.73 15.27 -71.39
N PHE C 209 16.54 14.20 -72.15
CA PHE C 209 17.68 13.55 -72.81
C PHE C 209 17.20 12.71 -73.97
N ASN C 210 18.17 12.24 -74.75
CA ASN C 210 17.98 11.28 -75.81
C ASN C 210 18.91 10.08 -75.56
N ARG C 211 18.47 8.90 -75.98
CA ARG C 211 19.27 7.70 -75.78
C ARG C 211 20.54 7.70 -76.63
N GLY C 212 20.61 8.56 -77.65
CA GLY C 212 21.76 8.59 -78.54
C GLY C 212 22.98 9.27 -77.95
N GLU C 213 22.86 9.89 -76.78
CA GLU C 213 23.99 10.55 -76.14
C GLU C 213 24.94 9.53 -75.52
N GLN D 1 14.64 -8.96 -17.70
CA GLN D 1 15.34 -10.16 -17.29
C GLN D 1 14.68 -11.41 -17.88
N VAL D 2 13.41 -11.28 -18.26
CA VAL D 2 12.70 -12.39 -18.87
C VAL D 2 13.10 -12.52 -20.33
N GLN D 3 12.84 -13.70 -20.90
CA GLN D 3 13.23 -14.01 -22.27
C GLN D 3 12.02 -14.44 -23.08
N LEU D 4 11.86 -13.84 -24.26
CA LEU D 4 10.85 -14.24 -25.23
C LEU D 4 11.55 -14.61 -26.53
N VAL D 5 11.23 -15.79 -27.05
CA VAL D 5 11.87 -16.32 -28.25
C VAL D 5 10.79 -16.78 -29.22
N GLN D 6 10.89 -16.37 -30.47
CA GLN D 6 9.98 -16.80 -31.52
C GLN D 6 10.76 -17.52 -32.62
N SER D 7 10.03 -18.08 -33.57
CA SER D 7 10.62 -18.81 -34.68
C SER D 7 11.12 -17.86 -35.75
N GLY D 8 11.81 -18.41 -36.74
CA GLY D 8 12.33 -17.64 -37.84
C GLY D 8 11.27 -17.22 -38.82
N ALA D 9 11.69 -16.46 -39.84
CA ALA D 9 10.77 -15.95 -40.84
C ALA D 9 10.17 -17.10 -41.65
N GLU D 10 9.11 -16.78 -42.39
CA GLU D 10 8.40 -17.78 -43.17
C GLU D 10 7.91 -17.19 -44.48
N VAL D 11 8.02 -17.99 -45.54
CA VAL D 11 7.45 -17.69 -46.85
C VAL D 11 6.51 -18.83 -47.22
N LYS D 12 5.36 -18.48 -47.78
CA LYS D 12 4.34 -19.47 -48.07
C LYS D 12 3.64 -19.14 -49.38
N LYS D 13 2.99 -20.16 -49.94
CA LYS D 13 2.11 -20.13 -51.10
C LYS D 13 0.66 -20.17 -50.64
N PRO D 14 -0.24 -19.49 -51.35
CA PRO D 14 -1.64 -19.42 -50.88
C PRO D 14 -2.29 -20.79 -50.82
N GLY D 15 -3.19 -20.95 -49.84
CA GLY D 15 -3.99 -22.15 -49.69
C GLY D 15 -3.61 -23.03 -48.52
N ALA D 16 -2.40 -22.87 -47.98
CA ALA D 16 -1.92 -23.70 -46.90
C ALA D 16 -2.14 -23.00 -45.56
N SER D 17 -1.58 -23.57 -44.49
CA SER D 17 -1.65 -23.01 -43.16
C SER D 17 -0.25 -22.75 -42.64
N VAL D 18 -0.15 -21.93 -41.60
CA VAL D 18 1.14 -21.60 -40.99
C VAL D 18 1.00 -21.64 -39.47
N LYS D 19 1.99 -22.24 -38.81
CA LYS D 19 1.99 -22.34 -37.36
C LYS D 19 3.28 -21.75 -36.81
N VAL D 20 3.15 -20.81 -35.87
CA VAL D 20 4.29 -20.14 -35.25
C VAL D 20 4.25 -20.40 -33.76
N SER D 21 5.43 -20.36 -33.12
CA SER D 21 5.59 -20.71 -31.72
C SER D 21 6.32 -19.60 -30.97
N CYS D 22 5.82 -19.32 -29.76
CA CYS D 22 6.43 -18.35 -28.85
C CYS D 22 6.79 -19.04 -27.55
N LYS D 23 8.02 -18.83 -27.07
CA LYS D 23 8.51 -19.42 -25.85
C LYS D 23 8.88 -18.31 -24.86
N ALA D 24 8.43 -18.46 -23.62
CA ALA D 24 8.64 -17.46 -22.58
C ALA D 24 9.36 -18.09 -21.39
N SER D 25 10.32 -17.36 -20.83
CA SER D 25 11.09 -17.86 -19.70
C SER D 25 11.38 -16.71 -18.75
N GLY D 26 11.62 -17.06 -17.49
CA GLY D 26 11.94 -16.10 -16.45
C GLY D 26 10.87 -15.89 -15.41
N TYR D 27 9.75 -16.60 -15.49
CA TYR D 27 8.64 -16.43 -14.56
C TYR D 27 7.76 -17.66 -14.61
N PRO D 28 7.01 -17.99 -13.51
CA PRO D 28 6.04 -19.00 -13.61
C PRO D 28 4.97 -18.74 -14.66
N PHE D 29 4.83 -19.66 -15.62
CA PHE D 29 4.00 -19.43 -16.77
C PHE D 29 2.51 -19.39 -16.43
N THR D 30 2.11 -19.94 -15.29
CA THR D 30 0.71 -20.16 -14.97
C THR D 30 0.08 -19.00 -14.21
N SER D 31 0.54 -17.77 -14.43
CA SER D 31 -0.09 -16.62 -13.81
C SER D 31 -0.37 -15.47 -14.77
N TYR D 32 0.19 -15.49 -15.98
CA TYR D 32 -0.03 -14.44 -16.96
C TYR D 32 -0.53 -15.05 -18.26
N GLY D 33 -1.25 -14.26 -19.05
CA GLY D 33 -1.78 -14.70 -20.31
C GLY D 33 -0.89 -14.34 -21.49
N ILE D 34 -1.21 -14.91 -22.65
CA ILE D 34 -0.47 -14.67 -23.88
C ILE D 34 -1.36 -13.82 -24.79
N SER D 35 -0.76 -12.84 -25.46
CA SER D 35 -1.48 -12.02 -26.42
C SER D 35 -0.72 -12.02 -27.74
N TRP D 36 -1.44 -12.22 -28.84
CA TRP D 36 -0.86 -12.24 -30.17
C TRP D 36 -1.38 -11.05 -30.96
N VAL D 37 -0.45 -10.30 -31.55
CA VAL D 37 -0.77 -9.05 -32.26
C VAL D 37 0.02 -9.03 -33.56
N ARG D 38 -0.65 -8.72 -34.66
CA ARG D 38 -0.02 -8.69 -35.97
C ARG D 38 0.05 -7.26 -36.49
N GLN D 39 1.06 -6.99 -37.32
CA GLN D 39 1.29 -5.67 -37.87
C GLN D 39 1.60 -5.80 -39.36
N ALA D 40 0.83 -5.09 -40.17
CA ALA D 40 1.08 -5.03 -41.61
C ALA D 40 2.29 -4.13 -41.88
N PRO D 41 2.94 -4.30 -43.04
CA PRO D 41 4.14 -3.49 -43.32
C PRO D 41 3.83 -2.01 -43.49
N GLY D 42 4.27 -1.19 -42.54
CA GLY D 42 4.13 0.24 -42.62
C GLY D 42 2.86 0.81 -42.00
N GLN D 43 1.92 -0.03 -41.58
CA GLN D 43 0.68 0.41 -40.97
C GLN D 43 0.67 0.04 -39.48
N GLY D 44 -0.41 0.42 -38.81
CA GLY D 44 -0.54 0.16 -37.40
C GLY D 44 -0.79 -1.32 -37.11
N LEU D 45 -0.70 -1.65 -35.82
CA LEU D 45 -0.88 -3.03 -35.41
C LEU D 45 -2.35 -3.39 -35.37
N GLU D 46 -2.63 -4.69 -35.45
CA GLU D 46 -3.97 -5.23 -35.36
C GLU D 46 -3.98 -6.37 -34.35
N TRP D 47 -5.08 -6.48 -33.61
CA TRP D 47 -5.16 -7.46 -32.54
C TRP D 47 -5.52 -8.82 -33.12
N MET D 48 -4.64 -9.81 -32.89
CA MET D 48 -4.92 -11.16 -33.35
C MET D 48 -5.63 -12.00 -32.30
N GLY D 49 -5.39 -11.75 -31.02
CA GLY D 49 -6.20 -12.39 -30.00
C GLY D 49 -5.50 -12.48 -28.66
N TRP D 50 -6.25 -13.03 -27.69
CA TRP D 50 -5.80 -13.22 -26.33
C TRP D 50 -6.02 -14.70 -26.07
N ILE D 51 -5.06 -15.37 -25.43
CA ILE D 51 -5.33 -16.70 -24.87
C ILE D 51 -4.88 -16.72 -23.41
N SER D 52 -5.71 -17.31 -22.55
CA SER D 52 -5.40 -17.42 -21.13
C SER D 52 -4.41 -18.56 -20.93
N THR D 53 -4.19 -18.97 -19.68
CA THR D 53 -3.12 -19.92 -19.38
C THR D 53 -3.54 -21.19 -18.67
N TYR D 54 -4.65 -21.18 -17.92
CA TYR D 54 -5.05 -22.38 -17.18
C TYR D 54 -6.38 -22.92 -17.69
N ASN D 55 -7.43 -22.10 -17.73
CA ASN D 55 -8.74 -22.60 -18.13
C ASN D 55 -8.88 -22.77 -19.64
N GLY D 56 -7.93 -22.26 -20.43
CA GLY D 56 -8.00 -22.37 -21.86
C GLY D 56 -9.03 -21.49 -22.53
N ASN D 57 -9.74 -20.66 -21.78
CA ASN D 57 -10.73 -19.76 -22.36
C ASN D 57 -10.02 -18.57 -22.98
N THR D 58 -10.21 -18.36 -24.28
CA THR D 58 -9.52 -17.34 -25.04
C THR D 58 -10.50 -16.26 -25.47
N ASN D 59 -10.01 -15.31 -26.27
CA ASN D 59 -10.86 -14.25 -26.81
C ASN D 59 -10.25 -13.79 -28.12
N TYR D 60 -10.98 -13.97 -29.21
CA TYR D 60 -10.51 -13.59 -30.53
C TYR D 60 -11.24 -12.35 -31.02
N ALA D 61 -10.59 -11.62 -31.93
CA ALA D 61 -11.22 -10.45 -32.53
C ALA D 61 -12.37 -10.88 -33.44
N GLN D 62 -13.23 -9.92 -33.77
CA GLN D 62 -14.43 -10.18 -34.57
C GLN D 62 -14.11 -10.53 -36.03
N LYS D 63 -12.83 -10.59 -36.43
CA LYS D 63 -12.47 -10.80 -37.82
C LYS D 63 -11.98 -12.21 -38.13
N PHE D 64 -11.41 -12.90 -37.15
CA PHE D 64 -10.74 -14.17 -37.43
C PHE D 64 -11.31 -15.32 -36.60
N GLN D 65 -12.65 -15.44 -36.55
CA GLN D 65 -13.27 -16.49 -35.74
C GLN D 65 -12.86 -17.88 -36.23
N GLY D 66 -12.85 -18.09 -37.53
CA GLY D 66 -12.63 -19.41 -38.10
C GLY D 66 -11.33 -19.66 -38.81
N ARG D 67 -10.44 -18.67 -38.89
CA ARG D 67 -9.20 -18.83 -39.65
C ARG D 67 -7.95 -18.98 -38.78
N VAL D 68 -8.06 -18.78 -37.47
CA VAL D 68 -6.90 -18.85 -36.58
C VAL D 68 -7.26 -19.67 -35.36
N THR D 69 -6.31 -20.51 -34.92
CA THR D 69 -6.46 -21.27 -33.68
C THR D 69 -5.20 -21.10 -32.85
N MET D 70 -5.38 -20.77 -31.57
CA MET D 70 -4.28 -20.54 -30.65
C MET D 70 -4.35 -21.54 -29.51
N THR D 71 -3.22 -22.20 -29.23
CA THR D 71 -3.13 -23.19 -28.17
C THR D 71 -1.87 -22.91 -27.36
N THR D 72 -1.86 -23.37 -26.11
CA THR D 72 -0.71 -23.20 -25.25
C THR D 72 -0.45 -24.49 -24.49
N ASP D 73 0.83 -24.70 -24.13
CA ASP D 73 1.23 -25.79 -23.26
C ASP D 73 2.09 -25.21 -22.16
N THR D 74 1.69 -25.45 -20.91
CA THR D 74 2.43 -24.93 -19.76
C THR D 74 3.63 -25.79 -19.40
N SER D 75 3.63 -27.07 -19.77
CA SER D 75 4.74 -27.95 -19.42
C SER D 75 6.05 -27.47 -20.04
N THR D 76 6.04 -27.21 -21.34
CA THR D 76 7.19 -26.66 -22.03
C THR D 76 7.17 -25.14 -22.11
N THR D 77 6.13 -24.51 -21.56
CA THR D 77 5.96 -23.05 -21.57
C THR D 77 6.05 -22.50 -23.00
N THR D 78 5.11 -22.94 -23.83
CA THR D 78 5.10 -22.58 -25.24
C THR D 78 3.69 -22.25 -25.69
N GLY D 79 3.60 -21.45 -26.75
CA GLY D 79 2.32 -21.12 -27.35
C GLY D 79 2.36 -21.18 -28.85
N TYR D 80 1.41 -21.89 -29.45
CA TYR D 80 1.34 -22.06 -30.90
C TYR D 80 0.14 -21.31 -31.44
N MET D 81 0.35 -20.57 -32.53
CA MET D 81 -0.72 -19.89 -33.26
C MET D 81 -0.70 -20.39 -34.70
N GLU D 82 -1.85 -20.88 -35.17
CA GLU D 82 -1.95 -21.39 -36.53
C GLU D 82 -2.97 -20.56 -37.28
N LEU D 83 -2.62 -20.16 -38.50
CA LEU D 83 -3.47 -19.42 -39.41
C LEU D 83 -3.80 -20.31 -40.60
N ARG D 84 -5.08 -20.41 -40.93
CA ARG D 84 -5.57 -21.28 -41.99
C ARG D 84 -6.41 -20.47 -42.96
N ARG D 85 -6.56 -21.00 -44.18
CA ARG D 85 -7.32 -20.36 -45.24
C ARG D 85 -6.78 -18.97 -45.55
N LEU D 86 -5.46 -18.81 -45.43
CA LEU D 86 -4.84 -17.52 -45.63
C LEU D 86 -4.89 -17.10 -47.09
N ARG D 87 -5.00 -15.79 -47.30
CA ARG D 87 -5.09 -15.19 -48.62
C ARG D 87 -3.79 -14.46 -48.95
N SER D 88 -3.79 -13.77 -50.09
CA SER D 88 -2.60 -13.07 -50.55
C SER D 88 -2.33 -11.78 -49.81
N ASP D 89 -3.26 -11.32 -48.96
CA ASP D 89 -3.13 -10.06 -48.24
C ASP D 89 -2.67 -10.25 -46.81
N ASP D 90 -1.91 -11.31 -46.52
CA ASP D 90 -1.49 -11.63 -45.16
C ASP D 90 0.02 -11.53 -44.96
N THR D 91 0.71 -10.77 -45.81
CA THR D 91 2.14 -10.53 -45.63
C THR D 91 2.33 -9.51 -44.52
N ALA D 92 2.92 -9.92 -43.41
CA ALA D 92 2.99 -9.04 -42.24
C ALA D 92 4.01 -9.61 -41.25
N VAL D 93 4.03 -9.03 -40.05
CA VAL D 93 4.83 -9.52 -38.94
C VAL D 93 3.89 -9.84 -37.79
N TYR D 94 4.29 -10.79 -36.96
CA TYR D 94 3.48 -11.21 -35.81
C TYR D 94 4.31 -11.12 -34.54
N TYR D 95 3.62 -10.86 -33.42
CA TYR D 95 4.25 -10.68 -32.12
C TYR D 95 3.48 -11.46 -31.07
N CYS D 96 4.21 -12.20 -30.24
CA CYS D 96 3.69 -12.75 -28.99
C CYS D 96 4.09 -11.81 -27.84
N ALA D 97 3.23 -11.75 -26.83
CA ALA D 97 3.46 -10.79 -25.76
C ALA D 97 2.84 -11.30 -24.46
N ARG D 98 3.43 -10.88 -23.35
CA ARG D 98 2.82 -11.12 -22.04
C ARG D 98 1.61 -10.20 -21.88
N ASP D 99 0.59 -10.71 -21.19
CA ASP D 99 -0.68 -10.03 -21.09
C ASP D 99 -0.89 -9.53 -19.66
N TYR D 100 -1.22 -8.24 -19.54
CA TYR D 100 -1.76 -7.67 -18.31
C TYR D 100 -2.92 -6.76 -18.63
N THR D 101 -3.83 -7.25 -19.46
CA THR D 101 -5.10 -6.59 -19.72
C THR D 101 -6.30 -7.46 -19.39
N ARG D 102 -6.12 -8.78 -19.27
CA ARG D 102 -7.19 -9.68 -18.89
C ARG D 102 -6.63 -10.76 -17.99
N GLY D 103 -7.42 -11.17 -17.01
CA GLY D 103 -6.92 -12.08 -15.99
C GLY D 103 -6.67 -13.48 -16.53
N ALA D 104 -5.74 -14.17 -15.87
CA ALA D 104 -5.40 -15.54 -16.23
C ALA D 104 -6.18 -16.58 -15.43
N TRP D 105 -6.95 -16.16 -14.43
CA TRP D 105 -7.73 -17.09 -13.62
C TRP D 105 -9.21 -16.72 -13.61
N PHE D 106 -9.49 -15.41 -13.61
CA PHE D 106 -10.86 -14.92 -13.47
C PHE D 106 -11.43 -14.44 -14.78
N GLY D 107 -10.75 -13.53 -15.47
CA GLY D 107 -11.26 -12.97 -16.70
C GLY D 107 -11.91 -11.61 -16.50
N GLU D 108 -11.24 -10.73 -15.75
CA GLU D 108 -11.74 -9.39 -15.50
C GLU D 108 -10.99 -8.37 -16.34
N SER D 109 -11.33 -7.11 -16.13
CA SER D 109 -10.68 -5.99 -16.81
C SER D 109 -9.76 -5.28 -15.84
N LEU D 110 -8.46 -5.47 -16.00
CA LEU D 110 -7.45 -4.98 -15.08
C LEU D 110 -6.79 -3.71 -15.61
N ILE D 111 -5.76 -3.26 -14.92
CA ILE D 111 -5.05 -2.04 -15.24
C ILE D 111 -3.70 -2.41 -15.85
N GLY D 112 -3.47 -2.00 -17.09
CA GLY D 112 -2.22 -2.28 -17.76
C GLY D 112 -2.37 -2.82 -19.16
N GLY D 113 -1.25 -3.09 -19.82
CA GLY D 113 -1.25 -3.58 -21.18
C GLY D 113 -0.07 -4.49 -21.41
N PHE D 114 0.11 -4.89 -22.67
CA PHE D 114 1.18 -5.82 -23.05
C PHE D 114 2.53 -5.16 -22.77
N ASP D 115 3.25 -5.66 -21.76
CA ASP D 115 4.47 -5.02 -21.30
C ASP D 115 5.74 -5.77 -21.68
N ASN D 116 5.64 -6.95 -22.30
CA ASN D 116 6.80 -7.68 -22.77
C ASN D 116 6.52 -8.18 -24.17
N TRP D 117 7.47 -8.00 -25.08
CA TRP D 117 7.32 -8.37 -26.49
C TRP D 117 8.36 -9.42 -26.85
N GLY D 118 8.39 -9.74 -28.15
CA GLY D 118 9.39 -10.64 -28.68
C GLY D 118 10.11 -10.02 -29.86
N GLN D 119 11.00 -10.78 -30.50
CA GLN D 119 11.78 -10.24 -31.62
C GLN D 119 10.98 -10.17 -32.91
N GLY D 120 9.71 -10.55 -32.90
CA GLY D 120 8.89 -10.51 -34.08
C GLY D 120 9.00 -11.79 -34.91
N THR D 121 8.08 -11.93 -35.85
CA THR D 121 8.07 -13.09 -36.74
C THR D 121 7.55 -12.66 -38.10
N LEU D 122 8.42 -12.66 -39.10
CA LEU D 122 8.02 -12.30 -40.46
C LEU D 122 7.28 -13.44 -41.12
N VAL D 123 6.14 -13.13 -41.75
CA VAL D 123 5.42 -14.08 -42.57
C VAL D 123 5.06 -13.41 -43.88
N THR D 124 5.36 -14.08 -45.00
CA THR D 124 5.07 -13.55 -46.31
C THR D 124 4.38 -14.62 -47.15
N VAL D 125 3.50 -14.16 -48.05
CA VAL D 125 2.78 -15.04 -48.96
C VAL D 125 2.82 -14.43 -50.35
N SER D 126 2.92 -15.28 -51.36
CA SER D 126 3.00 -14.82 -52.74
C SER D 126 2.64 -15.97 -53.67
N SER D 127 2.35 -15.63 -54.92
CA SER D 127 2.07 -16.62 -55.95
C SER D 127 3.31 -17.09 -56.69
N ALA D 128 4.49 -16.62 -56.29
CA ALA D 128 5.74 -16.99 -56.94
C ALA D 128 6.67 -17.66 -55.94
N SER D 129 7.57 -18.49 -56.47
CA SER D 129 8.56 -19.20 -55.68
C SER D 129 9.89 -18.47 -55.73
N THR D 130 10.91 -19.08 -55.14
CA THR D 130 12.24 -18.48 -55.12
C THR D 130 12.81 -18.38 -56.53
N LYS D 131 13.52 -17.28 -56.80
CA LYS D 131 14.07 -17.03 -58.13
C LYS D 131 15.32 -16.18 -57.98
N GLY D 132 16.36 -16.54 -58.74
CA GLY D 132 17.63 -15.84 -58.69
C GLY D 132 17.53 -14.42 -59.21
N PRO D 133 18.28 -13.51 -58.60
CA PRO D 133 18.23 -12.11 -59.01
C PRO D 133 19.10 -11.83 -60.24
N SER D 134 18.81 -10.70 -60.86
CA SER D 134 19.61 -10.18 -61.97
C SER D 134 20.04 -8.77 -61.64
N VAL D 135 21.33 -8.49 -61.76
CA VAL D 135 21.90 -7.21 -61.35
C VAL D 135 22.27 -6.42 -62.61
N PHE D 136 22.30 -5.10 -62.45
CA PHE D 136 22.61 -4.20 -63.54
C PHE D 136 23.30 -2.94 -63.02
N PRO D 137 24.45 -2.58 -63.59
CA PRO D 137 25.13 -1.36 -63.16
C PRO D 137 24.47 -0.11 -63.74
N LEU D 138 24.75 1.01 -63.08
CA LEU D 138 24.16 2.30 -63.47
C LEU D 138 25.24 3.36 -63.23
N ALA D 139 26.00 3.64 -64.28
CA ALA D 139 27.17 4.52 -64.20
C ALA D 139 26.78 5.96 -64.58
N PRO D 140 27.27 6.95 -63.84
CA PRO D 140 26.93 8.34 -64.18
C PRO D 140 27.57 8.76 -65.49
N SER D 141 26.93 9.72 -66.15
CA SER D 141 27.44 10.23 -67.42
C SER D 141 28.69 11.06 -67.20
N SER D 142 29.45 11.23 -68.29
CA SER D 142 30.67 12.02 -68.24
C SER D 142 30.41 13.51 -68.05
N LYS D 143 29.16 13.95 -68.17
CA LYS D 143 28.80 15.36 -68.04
C LYS D 143 28.64 15.79 -66.58
N SER D 144 29.18 15.03 -65.64
CA SER D 144 29.07 15.39 -64.23
C SER D 144 29.87 16.66 -63.95
N THR D 145 29.31 17.51 -63.09
CA THR D 145 29.97 18.76 -62.74
C THR D 145 31.20 18.51 -61.89
N SER D 146 32.29 19.23 -62.19
CA SER D 146 33.50 19.09 -61.40
C SER D 146 33.29 19.59 -59.97
N GLY D 147 32.59 20.71 -59.82
CA GLY D 147 32.30 21.26 -58.50
C GLY D 147 31.09 20.60 -57.86
N GLY D 148 31.19 19.31 -57.57
CA GLY D 148 30.09 18.58 -56.98
C GLY D 148 30.36 17.10 -56.81
N THR D 149 29.38 16.27 -57.17
CA THR D 149 29.50 14.83 -57.01
C THR D 149 28.58 14.13 -58.00
N ALA D 150 28.80 12.84 -58.18
CA ALA D 150 28.00 12.02 -59.07
C ALA D 150 27.57 10.75 -58.35
N ALA D 151 26.38 10.26 -58.69
CA ALA D 151 25.78 9.10 -58.06
C ALA D 151 25.83 7.91 -59.02
N LEU D 152 26.28 6.77 -58.51
CA LEU D 152 26.29 5.52 -59.26
C LEU D 152 25.47 4.48 -58.53
N GLY D 153 24.78 3.63 -59.29
CA GLY D 153 23.79 2.75 -58.71
C GLY D 153 23.90 1.33 -59.21
N CYS D 154 23.24 0.43 -58.48
CA CYS D 154 23.06 -0.95 -58.87
C CYS D 154 21.58 -1.30 -58.76
N LEU D 155 21.05 -1.92 -59.81
CA LEU D 155 19.63 -2.30 -59.87
C LEU D 155 19.52 -3.81 -59.83
N VAL D 156 18.73 -4.31 -58.89
CA VAL D 156 18.48 -5.75 -58.74
C VAL D 156 17.03 -6.01 -59.09
N LYS D 157 16.80 -7.00 -59.96
CA LYS D 157 15.46 -7.32 -60.42
C LYS D 157 15.22 -8.82 -60.28
N ASP D 158 13.99 -9.18 -59.92
CA ASP D 158 13.55 -10.57 -59.81
C ASP D 158 14.37 -11.33 -58.75
N TYR D 159 14.45 -10.75 -57.56
CA TYR D 159 15.03 -11.40 -56.40
C TYR D 159 13.90 -11.78 -55.44
N PHE D 160 13.94 -13.01 -54.93
CA PHE D 160 12.81 -13.47 -54.14
C PHE D 160 13.16 -14.72 -53.35
N PRO D 161 12.73 -14.82 -52.08
CA PRO D 161 12.28 -13.77 -51.16
C PRO D 161 13.33 -12.72 -50.82
N GLU D 162 13.03 -11.89 -49.83
CA GLU D 162 14.03 -11.01 -49.23
C GLU D 162 14.98 -11.84 -48.36
N PRO D 163 16.16 -11.30 -48.00
CA PRO D 163 16.78 -10.04 -48.43
C PRO D 163 17.96 -10.27 -49.39
N VAL D 164 18.68 -9.21 -49.74
CA VAL D 164 19.87 -9.30 -50.58
C VAL D 164 21.03 -8.62 -49.86
N THR D 165 22.22 -9.19 -49.99
CA THR D 165 23.43 -8.65 -49.40
C THR D 165 24.22 -7.94 -50.50
N VAL D 166 24.14 -6.62 -50.53
CA VAL D 166 24.81 -5.81 -51.54
C VAL D 166 26.01 -5.13 -50.90
N SER D 167 27.13 -5.12 -51.62
CA SER D 167 28.36 -4.54 -51.12
C SER D 167 29.08 -3.84 -52.27
N TRP D 168 29.99 -2.94 -51.89
CA TRP D 168 30.78 -2.15 -52.83
C TRP D 168 32.25 -2.34 -52.52
N ASN D 169 33.04 -2.64 -53.55
CA ASN D 169 34.48 -2.88 -53.40
C ASN D 169 34.77 -3.96 -52.37
N SER D 170 33.95 -5.02 -52.38
CA SER D 170 34.09 -6.15 -51.46
C SER D 170 34.07 -5.69 -50.01
N GLY D 171 33.15 -4.78 -49.70
CA GLY D 171 32.99 -4.29 -48.34
C GLY D 171 33.92 -3.15 -47.94
N ALA D 172 34.81 -2.71 -48.83
CA ALA D 172 35.70 -1.62 -48.50
C ALA D 172 34.95 -0.30 -48.33
N LEU D 173 34.00 -0.02 -49.22
CA LEU D 173 33.25 1.22 -49.17
C LEU D 173 32.08 1.08 -48.21
N THR D 174 31.96 2.03 -47.27
CA THR D 174 30.92 1.97 -46.26
C THR D 174 30.19 3.31 -46.15
N SER D 175 30.86 4.39 -46.52
CA SER D 175 30.30 5.73 -46.37
C SER D 175 29.66 6.18 -47.67
N GLY D 176 28.54 6.87 -47.56
CA GLY D 176 27.83 7.40 -48.72
C GLY D 176 26.93 6.41 -49.42
N VAL D 177 26.77 5.21 -48.91
CA VAL D 177 25.93 4.19 -49.53
C VAL D 177 24.50 4.39 -49.08
N HIS D 178 23.56 3.97 -49.93
CA HIS D 178 22.14 4.04 -49.62
C HIS D 178 21.45 2.85 -50.26
N THR D 179 20.92 1.97 -49.42
CA THR D 179 20.11 0.83 -49.86
C THR D 179 18.64 1.16 -49.62
N PHE D 180 17.80 0.77 -50.56
CA PHE D 180 16.40 1.16 -50.58
C PHE D 180 15.52 0.05 -50.04
N PRO D 181 14.34 0.37 -49.54
CA PRO D 181 13.35 -0.67 -49.28
C PRO D 181 12.86 -1.29 -50.57
N ALA D 182 12.53 -2.58 -50.51
CA ALA D 182 12.02 -3.26 -51.69
C ALA D 182 10.64 -2.73 -52.07
N VAL D 183 10.33 -2.81 -53.36
CA VAL D 183 9.09 -2.26 -53.91
C VAL D 183 8.41 -3.34 -54.74
N LEU D 184 7.08 -3.38 -54.68
CA LEU D 184 6.29 -4.33 -55.43
C LEU D 184 5.75 -3.69 -56.71
N GLN D 185 5.36 -4.52 -57.66
CA GLN D 185 4.71 -4.07 -58.88
C GLN D 185 3.58 -5.03 -59.21
N SER D 186 3.00 -4.88 -60.40
CA SER D 186 1.88 -5.71 -60.81
C SER D 186 2.28 -7.17 -60.95
N SER D 187 3.47 -7.42 -61.49
CA SER D 187 3.92 -8.80 -61.72
C SER D 187 4.09 -9.59 -60.43
N GLY D 188 4.21 -8.92 -59.29
CA GLY D 188 4.36 -9.58 -58.02
C GLY D 188 5.79 -9.95 -57.65
N LEU D 189 6.77 -9.59 -58.48
CA LEU D 189 8.16 -9.85 -58.17
C LEU D 189 8.73 -8.65 -57.41
N TYR D 190 10.05 -8.63 -57.21
CA TYR D 190 10.68 -7.61 -56.37
C TYR D 190 11.77 -6.89 -57.14
N SER D 191 11.85 -5.57 -56.94
CA SER D 191 12.87 -4.74 -57.56
C SER D 191 13.56 -3.92 -56.47
N LEU D 192 14.82 -3.57 -56.70
CA LEU D 192 15.60 -2.86 -55.69
C LEU D 192 16.68 -2.03 -56.38
N SER D 193 17.06 -0.93 -55.73
CA SER D 193 18.15 -0.09 -56.20
C SER D 193 19.02 0.33 -55.04
N SER D 194 20.32 0.50 -55.31
CA SER D 194 21.26 1.01 -54.33
C SER D 194 22.11 2.09 -54.98
N VAL D 195 22.42 3.14 -54.22
CA VAL D 195 23.11 4.30 -54.79
C VAL D 195 24.24 4.76 -53.87
N VAL D 196 25.34 5.17 -54.48
CA VAL D 196 26.48 5.73 -53.76
C VAL D 196 26.93 7.01 -54.46
N THR D 197 27.25 8.03 -53.68
CA THR D 197 27.74 9.30 -54.20
C THR D 197 29.25 9.34 -54.10
N VAL D 198 29.90 9.89 -55.13
CA VAL D 198 31.35 9.92 -55.21
C VAL D 198 31.80 11.20 -55.88
N PRO D 199 33.00 11.68 -55.54
CA PRO D 199 33.54 12.86 -56.23
C PRO D 199 34.09 12.48 -57.60
N SER D 200 34.36 13.52 -58.39
CA SER D 200 34.86 13.32 -59.75
C SER D 200 36.33 12.88 -59.77
N SER D 201 37.01 12.89 -58.63
CA SER D 201 38.42 12.49 -58.61
C SER D 201 38.60 11.04 -59.02
N SER D 202 37.73 10.15 -58.54
CA SER D 202 37.83 8.73 -58.82
C SER D 202 37.09 8.31 -60.08
N LEU D 203 36.50 9.26 -60.81
CA LEU D 203 35.76 8.92 -62.02
C LEU D 203 36.67 8.30 -63.07
N GLY D 204 37.79 8.94 -63.36
CA GLY D 204 38.72 8.49 -64.36
C GLY D 204 39.99 7.83 -63.84
N THR D 205 40.03 7.44 -62.57
CA THR D 205 41.25 6.88 -62.00
C THR D 205 41.03 5.62 -61.18
N GLN D 206 39.79 5.15 -61.02
CA GLN D 206 39.55 3.96 -60.21
C GLN D 206 38.23 3.33 -60.67
N THR D 207 38.20 2.00 -60.70
CA THR D 207 37.05 1.24 -61.15
C THR D 207 36.29 0.70 -59.96
N TYR D 208 34.98 0.92 -59.94
CA TYR D 208 34.14 0.53 -58.82
C TYR D 208 33.51 -0.84 -59.04
N ILE D 209 33.42 -1.61 -57.96
CA ILE D 209 32.84 -2.95 -57.99
C ILE D 209 31.59 -2.98 -57.12
N CYS D 210 30.62 -3.79 -57.56
CA CYS D 210 29.33 -3.89 -56.89
C CYS D 210 28.92 -5.35 -56.89
N ASN D 211 28.92 -5.99 -55.73
CA ASN D 211 28.70 -7.43 -55.63
C ASN D 211 27.50 -7.72 -54.73
N VAL D 212 26.62 -8.60 -55.20
CA VAL D 212 25.39 -8.95 -54.51
C VAL D 212 25.36 -10.46 -54.30
N ASN D 213 25.05 -10.87 -53.08
CA ASN D 213 24.89 -12.28 -52.72
C ASN D 213 23.47 -12.46 -52.17
N HIS D 214 22.83 -13.54 -52.60
CA HIS D 214 21.51 -13.94 -52.13
C HIS D 214 21.67 -15.22 -51.32
N LYS D 215 21.52 -15.08 -49.99
CA LYS D 215 21.69 -16.23 -49.10
C LYS D 215 20.61 -17.29 -49.31
N PRO D 216 19.31 -16.97 -49.34
CA PRO D 216 18.32 -18.04 -49.53
C PRO D 216 18.50 -18.80 -50.84
N SER D 217 18.90 -18.11 -51.90
CA SER D 217 19.20 -18.73 -53.18
C SER D 217 20.69 -18.89 -53.41
N ASN D 218 21.50 -18.67 -52.36
CA ASN D 218 22.95 -18.84 -52.30
C ASN D 218 23.65 -18.54 -53.63
N THR D 219 23.33 -17.40 -54.23
CA THR D 219 23.89 -16.99 -55.50
C THR D 219 24.78 -15.77 -55.31
N LYS D 220 25.97 -15.81 -55.90
CA LYS D 220 26.93 -14.71 -55.81
C LYS D 220 27.13 -14.10 -57.20
N VAL D 221 27.04 -12.78 -57.28
CA VAL D 221 27.28 -12.07 -58.53
C VAL D 221 28.04 -10.79 -58.21
N ASP D 222 28.76 -10.28 -59.21
CA ASP D 222 29.51 -9.04 -59.06
C ASP D 222 29.66 -8.39 -60.42
N LYS D 223 29.62 -7.05 -60.44
CA LYS D 223 29.76 -6.31 -61.68
C LYS D 223 30.65 -5.10 -61.46
N LYS D 224 31.14 -4.55 -62.55
CA LYS D 224 32.03 -3.38 -62.55
C LYS D 224 31.28 -2.16 -63.05
N VAL D 225 31.86 -0.99 -62.78
CA VAL D 225 31.29 0.29 -63.19
C VAL D 225 32.27 0.96 -64.13
N GLU D 226 31.79 1.34 -65.32
CA GLU D 226 32.58 2.06 -66.29
C GLU D 226 31.82 3.30 -66.74
N PRO D 227 32.40 4.48 -66.66
CA PRO D 227 31.67 5.70 -67.01
C PRO D 227 31.32 5.75 -68.49
N LYS D 228 30.11 6.20 -68.77
CA LYS D 228 29.62 6.28 -70.15
C LYS D 228 28.53 7.33 -70.28
N THR E 1 16.42 -2.70 10.28
CA THR E 1 15.66 -3.72 10.98
C THR E 1 14.23 -3.80 10.45
N GLN E 2 13.49 -4.80 10.91
CA GLN E 2 12.09 -4.93 10.51
C GLN E 2 11.27 -3.74 11.00
N MET E 3 11.55 -3.27 12.21
CA MET E 3 10.92 -2.08 12.75
C MET E 3 11.81 -1.54 13.87
N GLN E 4 12.03 -0.23 13.85
CA GLN E 4 12.82 0.44 14.87
C GLN E 4 11.92 1.41 15.63
N LEU E 5 12.02 1.38 16.96
CA LEU E 5 11.20 2.21 17.82
C LEU E 5 12.09 3.08 18.70
N VAL E 6 11.74 4.35 18.84
CA VAL E 6 12.43 5.27 19.72
C VAL E 6 11.42 5.97 20.61
N GLN E 7 11.89 6.43 21.77
CA GLN E 7 11.04 7.14 22.71
C GLN E 7 11.71 8.42 23.17
N SER E 8 11.14 9.09 24.17
CA SER E 8 11.73 10.30 24.72
C SER E 8 12.86 9.94 25.67
N GLY E 9 13.39 10.92 26.37
CA GLY E 9 14.46 10.73 27.32
C GLY E 9 13.97 10.72 28.75
N THR E 10 14.82 11.17 29.66
CA THR E 10 14.45 11.24 31.07
C THR E 10 13.35 12.29 31.28
N GLU E 11 12.58 12.09 32.34
CA GLU E 11 11.47 12.98 32.67
C GLU E 11 11.44 13.18 34.18
N VAL E 12 11.65 14.42 34.61
CA VAL E 12 11.61 14.78 36.03
C VAL E 12 10.79 16.05 36.18
N LYS E 13 9.59 15.91 36.75
CA LYS E 13 8.69 17.05 36.94
C LYS E 13 8.01 16.95 38.29
N LYS E 14 7.58 18.11 38.79
CA LYS E 14 6.83 18.17 40.03
C LYS E 14 5.46 17.52 39.86
N PRO E 15 4.86 16.99 40.94
CA PRO E 15 3.60 16.26 40.79
C PRO E 15 2.45 17.21 40.47
N GLY E 16 1.49 16.70 39.69
CA GLY E 16 0.29 17.43 39.33
C GLY E 16 0.30 17.96 37.91
N GLU E 17 1.47 18.29 37.37
CA GLU E 17 1.55 18.89 36.04
C GLU E 17 1.23 17.86 34.96
N SER E 18 1.25 18.32 33.72
CA SER E 18 1.02 17.48 32.56
C SER E 18 2.35 16.92 32.04
N LEU E 19 2.24 15.90 31.19
CA LEU E 19 3.42 15.30 30.58
C LEU E 19 3.04 14.80 29.20
N LYS E 20 4.02 14.78 28.29
CA LYS E 20 3.81 14.35 26.91
C LYS E 20 5.03 13.56 26.45
N ILE E 21 4.84 12.28 26.17
CA ILE E 21 5.90 11.43 25.64
C ILE E 21 5.44 10.82 24.33
N SER E 22 6.39 10.40 23.51
CA SER E 22 6.11 9.93 22.17
C SER E 22 6.93 8.69 21.84
N CYS E 23 6.28 7.71 21.23
CA CYS E 23 6.93 6.52 20.69
C CYS E 23 6.82 6.60 19.17
N LYS E 24 7.97 6.60 18.49
CA LYS E 24 8.04 6.82 17.06
C LYS E 24 8.75 5.66 16.38
N GLY E 25 8.21 5.22 15.25
CA GLY E 25 8.72 4.07 14.54
C GLY E 25 9.38 4.44 13.21
N SER E 26 10.06 3.45 12.65
CA SER E 26 10.73 3.61 11.36
C SER E 26 11.02 2.24 10.77
N GLY E 27 10.68 2.05 9.50
CA GLY E 27 10.97 0.80 8.83
C GLY E 27 10.02 0.58 7.66
N TYR E 28 9.90 -0.68 7.26
CA TYR E 28 9.05 -1.10 6.16
C TYR E 28 7.98 -2.05 6.69
N GLY E 29 6.72 -1.76 6.37
CA GLY E 29 5.62 -2.53 6.90
C GLY E 29 4.96 -1.94 8.13
N PHE E 30 5.19 -0.65 8.40
CA PHE E 30 4.69 -0.03 9.63
C PHE E 30 3.17 0.03 9.68
N ILE E 31 2.50 -0.03 8.52
CA ILE E 31 1.06 0.26 8.47
C ILE E 31 0.21 -0.80 9.16
N THR E 32 0.77 -1.96 9.50
CA THR E 32 0.02 -3.03 10.13
C THR E 32 0.27 -3.13 11.63
N TYR E 33 0.87 -2.11 12.22
CA TYR E 33 1.40 -2.20 13.59
C TYR E 33 0.51 -1.42 14.56
N TRP E 34 -0.21 -2.16 15.40
CA TRP E 34 -0.82 -1.58 16.59
C TRP E 34 0.26 -1.26 17.61
N ILE E 35 0.05 -0.19 18.38
CA ILE E 35 1.01 0.26 19.37
C ILE E 35 0.34 0.23 20.73
N GLY E 36 0.94 -0.48 21.68
CA GLY E 36 0.46 -0.53 23.04
C GLY E 36 1.51 0.00 24.00
N TRP E 37 1.09 0.21 25.24
CA TRP E 37 1.98 0.74 26.27
C TRP E 37 2.01 -0.18 27.48
N VAL E 38 3.21 -0.41 28.01
CA VAL E 38 3.43 -1.29 29.15
C VAL E 38 4.20 -0.54 30.21
N ARG E 39 3.79 -0.69 31.47
CA ARG E 39 4.39 0.01 32.60
C ARG E 39 5.03 -0.98 33.55
N GLN E 40 6.18 -0.58 34.12
CA GLN E 40 6.87 -1.39 35.12
C GLN E 40 7.17 -0.52 36.33
N MET E 41 6.62 -0.91 37.47
CA MET E 41 6.97 -0.29 38.75
C MET E 41 8.34 -0.80 39.18
N PRO E 42 9.12 0.02 39.89
CA PRO E 42 10.43 -0.45 40.38
C PRO E 42 10.33 -1.69 41.25
N GLY E 43 10.98 -2.77 40.83
CA GLY E 43 11.00 -4.00 41.60
C GLY E 43 9.77 -4.87 41.49
N LYS E 44 8.86 -4.55 40.57
CA LYS E 44 7.63 -5.33 40.45
C LYS E 44 7.43 -5.81 39.01
N GLY E 45 6.25 -6.36 38.71
CA GLY E 45 5.96 -6.92 37.40
C GLY E 45 5.57 -5.87 36.38
N LEU E 46 4.63 -6.24 35.52
CA LEU E 46 4.20 -5.42 34.39
C LEU E 46 2.69 -5.34 34.35
N GLU E 47 2.17 -4.24 33.81
CA GLU E 47 0.74 -4.05 33.63
C GLU E 47 0.49 -3.21 32.39
N TRP E 48 -0.50 -3.62 31.59
CA TRP E 48 -0.81 -2.95 30.33
C TRP E 48 -1.40 -1.58 30.68
N MET E 49 -1.27 -0.60 29.79
CA MET E 49 -2.02 0.65 29.93
C MET E 49 -3.05 0.86 28.83
N GLY E 50 -2.64 0.90 27.57
CA GLY E 50 -3.59 1.11 26.49
C GLY E 50 -2.98 0.81 25.14
N ILE E 51 -3.86 0.49 24.18
CA ILE E 51 -3.47 0.14 22.82
C ILE E 51 -4.17 1.07 21.85
N ILE E 52 -3.54 1.27 20.68
CA ILE E 52 -4.02 2.23 19.68
C ILE E 52 -3.58 1.78 18.30
N TYR E 53 -4.30 2.25 17.29
CA TYR E 53 -3.94 2.05 15.89
C TYR E 53 -3.48 3.39 15.32
N PRO E 54 -2.29 3.48 14.75
CA PRO E 54 -1.78 4.79 14.29
C PRO E 54 -2.63 5.42 13.19
N GLY E 55 -3.25 4.62 12.34
CA GLY E 55 -3.93 5.13 11.17
C GLY E 55 -5.19 5.93 11.44
N ASP E 56 -6.25 5.27 11.90
CA ASP E 56 -7.53 5.92 12.15
C ASP E 56 -7.77 6.20 13.62
N SER E 57 -6.76 6.01 14.46
CA SER E 57 -6.84 6.33 15.89
C SER E 57 -7.98 5.57 16.57
N GLU E 58 -7.92 4.25 16.47
CA GLU E 58 -8.83 3.36 17.20
C GLU E 58 -8.11 2.90 18.46
N THR E 59 -8.70 3.21 19.62
CA THR E 59 -8.04 2.98 20.90
C THR E 59 -8.82 1.97 21.73
N ARG E 60 -8.08 1.26 22.60
CA ARG E 60 -8.67 0.38 23.59
C ARG E 60 -7.92 0.55 24.91
N TYR E 61 -8.68 0.56 26.01
CA TYR E 61 -8.15 0.85 27.32
C TYR E 61 -8.36 -0.32 28.26
N SER E 62 -7.42 -0.52 29.17
CA SER E 62 -7.59 -1.50 30.22
C SER E 62 -8.67 -1.03 31.20
N PRO E 63 -9.50 -1.94 31.73
CA PRO E 63 -10.62 -1.49 32.57
C PRO E 63 -10.20 -0.71 33.80
N SER E 64 -9.06 -1.03 34.40
CA SER E 64 -8.61 -0.38 35.62
C SER E 64 -7.83 0.91 35.35
N PHE E 65 -7.66 1.30 34.10
CA PHE E 65 -6.88 2.48 33.74
C PHE E 65 -7.65 3.50 32.94
N GLN E 66 -8.96 3.30 32.75
CA GLN E 66 -9.75 4.23 31.95
C GLN E 66 -9.85 5.59 32.61
N GLY E 67 -9.67 6.64 31.81
CA GLY E 67 -9.86 8.00 32.26
C GLY E 67 -8.67 8.64 32.95
N GLN E 68 -7.58 7.90 33.15
CA GLN E 68 -6.41 8.45 33.83
C GLN E 68 -5.35 8.97 32.88
N VAL E 69 -5.24 8.40 31.68
CA VAL E 69 -4.21 8.77 30.73
C VAL E 69 -4.84 9.05 29.37
N THR E 70 -4.15 9.85 28.58
CA THR E 70 -4.59 10.22 27.23
C THR E 70 -3.67 9.59 26.20
N ILE E 71 -4.25 8.91 25.22
CA ILE E 71 -3.50 8.30 24.13
C ILE E 71 -3.91 8.98 22.82
N SER E 72 -2.93 9.32 21.99
CA SER E 72 -3.19 9.96 20.72
C SER E 72 -2.28 9.36 19.66
N ALA E 73 -2.62 9.57 18.40
CA ALA E 73 -1.85 9.04 17.28
C ALA E 73 -1.68 10.13 16.23
N ASP E 74 -0.63 9.99 15.42
CA ASP E 74 -0.36 10.92 14.33
C ASP E 74 0.20 10.13 13.17
N LYS E 75 -0.59 9.99 12.10
CA LYS E 75 -0.24 9.13 10.98
C LYS E 75 0.76 9.76 10.02
N SER E 76 0.86 11.09 9.99
CA SER E 76 1.77 11.74 9.04
C SER E 76 3.21 11.36 9.31
N ILE E 77 3.62 11.32 10.57
CA ILE E 77 4.95 10.90 10.97
C ILE E 77 4.94 9.54 11.65
N ASN E 78 3.77 8.91 11.76
CA ASN E 78 3.63 7.55 12.30
C ASN E 78 4.14 7.47 13.73
N THR E 79 3.49 8.22 14.61
CA THR E 79 3.90 8.34 16.00
C THR E 79 2.70 8.15 16.92
N ALA E 80 2.97 7.66 18.14
CA ALA E 80 1.94 7.47 19.15
C ALA E 80 2.33 8.23 20.41
N TYR E 81 1.43 9.08 20.90
CA TYR E 81 1.73 9.99 21.99
C TYR E 81 0.91 9.63 23.22
N LEU E 82 1.54 9.76 24.39
CA LEU E 82 0.90 9.58 25.68
C LEU E 82 0.97 10.88 26.46
N GLN E 83 -0.17 11.29 27.03
CA GLN E 83 -0.30 12.54 27.74
C GLN E 83 -0.87 12.29 29.13
N TRP E 84 -0.22 12.87 30.13
CA TRP E 84 -0.66 12.85 31.52
C TRP E 84 -1.23 14.21 31.89
N SER E 85 -2.45 14.21 32.44
CA SER E 85 -3.07 15.43 32.93
C SER E 85 -2.64 15.76 34.36
N SER E 86 -2.53 14.75 35.22
CA SER E 86 -2.12 14.92 36.61
C SER E 86 -1.01 13.94 36.92
N LEU E 87 0.01 14.43 37.64
CA LEU E 87 1.15 13.61 38.05
C LEU E 87 1.11 13.42 39.56
N LYS E 88 1.22 12.17 39.99
CA LYS E 88 1.13 11.82 41.40
C LYS E 88 2.38 11.05 41.83
N ALA E 89 2.36 10.57 43.07
CA ALA E 89 3.50 9.85 43.62
C ALA E 89 3.71 8.51 42.92
N SER E 90 2.63 7.85 42.52
CA SER E 90 2.72 6.54 41.86
C SER E 90 3.13 6.64 40.41
N ASP E 91 3.60 7.80 39.96
CA ASP E 91 4.00 8.02 38.57
C ASP E 91 5.52 8.09 38.43
N THR E 92 6.23 7.27 39.20
CA THR E 92 7.68 7.13 39.11
C THR E 92 7.99 5.68 38.75
N ALA E 93 8.16 5.40 37.46
CA ALA E 93 8.31 4.04 36.99
C ALA E 93 9.03 4.07 35.65
N ILE E 94 9.01 2.92 34.96
CA ILE E 94 9.58 2.82 33.62
C ILE E 94 8.45 2.46 32.67
N TYR E 95 8.57 2.92 31.42
CA TYR E 95 7.52 2.73 30.42
C TYR E 95 8.13 2.20 29.14
N TYR E 96 7.36 1.37 28.44
CA TYR E 96 7.75 0.83 27.15
C TYR E 96 6.60 0.96 26.17
N CYS E 97 6.92 1.25 24.91
CA CYS E 97 5.96 1.16 23.82
C CYS E 97 6.24 -0.11 23.05
N ALA E 98 5.21 -0.94 22.89
CA ALA E 98 5.35 -2.26 22.31
C ALA E 98 4.54 -2.34 21.03
N GLY E 99 5.17 -2.80 19.95
CA GLY E 99 4.49 -2.98 18.69
C GLY E 99 3.89 -4.38 18.59
N GLY E 100 2.75 -4.46 17.91
CA GLY E 100 2.13 -5.74 17.65
C GLY E 100 1.24 -5.69 16.43
N SER E 101 1.45 -6.60 15.49
CA SER E 101 0.74 -6.58 14.21
C SER E 101 -0.56 -7.36 14.37
N GLY E 102 -1.60 -6.67 14.82
CA GLY E 102 -2.93 -7.24 14.95
C GLY E 102 -3.36 -7.35 16.40
N ILE E 103 -4.65 -7.61 16.57
CA ILE E 103 -5.23 -7.88 17.88
C ILE E 103 -5.11 -9.38 18.14
N SER E 104 -4.97 -9.73 19.41
CA SER E 104 -4.71 -11.11 19.84
C SER E 104 -3.40 -11.63 19.24
N THR E 105 -2.43 -10.73 19.08
CA THR E 105 -1.09 -11.05 18.60
C THR E 105 -0.06 -10.50 19.58
N PRO E 106 1.10 -11.15 19.68
CA PRO E 106 2.07 -10.78 20.73
C PRO E 106 2.69 -9.42 20.48
N MET E 107 3.17 -8.84 21.59
CA MET E 107 3.94 -7.60 21.54
C MET E 107 5.41 -7.98 21.41
N ASP E 108 5.90 -8.04 20.17
CA ASP E 108 7.21 -8.63 19.89
C ASP E 108 8.32 -7.61 19.76
N VAL E 109 8.06 -6.43 19.23
CA VAL E 109 9.09 -5.40 19.02
C VAL E 109 8.88 -4.31 20.07
N TRP E 110 9.97 -3.94 20.75
CA TRP E 110 9.90 -3.06 21.91
C TRP E 110 10.89 -1.91 21.77
N GLY E 111 10.59 -0.82 22.45
CA GLY E 111 11.49 0.30 22.56
C GLY E 111 12.46 0.12 23.72
N GLN E 112 13.20 1.19 24.02
CA GLN E 112 14.17 1.16 25.10
C GLN E 112 13.61 1.65 26.43
N GLY E 113 12.37 2.10 26.46
CA GLY E 113 11.75 2.52 27.71
C GLY E 113 12.20 3.88 28.20
N THR E 114 11.32 4.59 28.88
CA THR E 114 11.62 5.89 29.47
C THR E 114 11.32 5.87 30.95
N THR E 115 11.99 6.74 31.70
CA THR E 115 11.92 6.76 33.15
C THR E 115 11.22 8.03 33.63
N VAL E 116 10.37 7.89 34.65
CA VAL E 116 9.67 9.02 35.24
C VAL E 116 9.83 8.97 36.75
N THR E 117 10.24 10.10 37.34
CA THR E 117 10.36 10.24 38.79
C THR E 117 9.83 11.61 39.19
N VAL E 118 9.72 11.83 40.49
CA VAL E 118 9.37 13.15 41.01
C VAL E 118 10.04 13.38 42.37
N ALA E 119 10.93 14.37 42.43
CA ALA E 119 11.64 14.76 43.64
C ALA E 119 12.31 16.10 43.37
N SER E 120 13.17 16.53 44.30
CA SER E 120 13.89 17.79 44.18
C SER E 120 15.38 17.52 43.93
N THR E 121 16.02 18.42 43.20
CA THR E 121 17.42 18.28 42.84
C THR E 121 18.32 18.87 43.92
N LYS E 122 19.47 18.24 44.12
CA LYS E 122 20.44 18.70 45.11
C LYS E 122 21.82 18.17 44.74
N GLY E 123 22.85 18.85 45.23
CA GLY E 123 24.21 18.42 45.04
C GLY E 123 24.61 17.38 46.07
N PRO E 124 25.47 16.44 45.67
CA PRO E 124 25.80 15.33 46.55
C PRO E 124 26.94 15.66 47.51
N SER E 125 27.10 14.81 48.51
CA SER E 125 28.21 14.89 49.45
C SER E 125 28.88 13.53 49.53
N VAL E 126 30.18 13.49 49.34
CA VAL E 126 30.94 12.24 49.28
C VAL E 126 31.89 12.18 50.47
N PHE E 127 31.84 11.07 51.20
CA PHE E 127 32.67 10.86 52.37
C PHE E 127 33.42 9.54 52.27
N PRO E 128 34.61 9.46 52.83
CA PRO E 128 35.37 8.21 52.83
C PRO E 128 35.06 7.36 54.06
N LEU E 129 35.63 6.16 54.05
CA LEU E 129 35.46 5.23 55.18
C LEU E 129 36.56 4.18 55.08
N ALA E 130 37.33 4.02 56.15
CA ALA E 130 38.51 3.16 56.14
C ALA E 130 38.43 2.14 57.26
N PRO E 131 39.01 0.95 57.06
CA PRO E 131 38.96 -0.09 58.10
C PRO E 131 40.16 -0.03 59.04
N SER E 132 40.21 -0.97 59.98
CA SER E 132 41.33 -1.10 60.90
C SER E 132 41.39 -2.53 61.41
N SER E 133 42.54 -2.90 61.95
CA SER E 133 42.74 -4.24 62.48
C SER E 133 42.77 -4.22 64.00
N GLY E 138 44.53 -10.47 60.76
CA GLY E 138 44.04 -9.60 59.73
C GLY E 138 44.34 -10.07 58.33
N GLY E 139 43.33 -10.12 57.48
CA GLY E 139 43.50 -10.55 56.11
C GLY E 139 43.31 -9.43 55.11
N THR E 140 42.17 -9.42 54.43
CA THR E 140 41.85 -8.39 53.44
C THR E 140 40.76 -7.48 53.99
N ALA E 141 40.96 -6.18 53.85
CA ALA E 141 40.06 -5.18 54.41
C ALA E 141 39.36 -4.41 53.30
N ALA E 142 38.16 -3.93 53.59
CA ALA E 142 37.31 -3.26 52.60
C ALA E 142 37.21 -1.78 52.93
N LEU E 143 37.56 -0.95 51.96
CA LEU E 143 37.45 0.50 52.08
C LEU E 143 36.22 0.98 51.32
N GLY E 144 35.51 1.94 51.90
CA GLY E 144 34.24 2.38 51.35
C GLY E 144 34.22 3.87 51.09
N CYS E 145 33.35 4.24 50.14
CA CYS E 145 33.08 5.63 49.80
C CYS E 145 31.59 5.80 49.66
N LEU E 146 31.02 6.80 50.32
CA LEU E 146 29.58 6.99 50.33
C LEU E 146 29.21 8.34 49.72
N VAL E 147 28.08 8.36 49.02
CA VAL E 147 27.49 9.57 48.48
C VAL E 147 26.09 9.73 49.08
N LYS E 148 25.81 10.92 49.60
CA LYS E 148 24.58 11.20 50.32
C LYS E 148 23.96 12.50 49.81
N ASP E 149 22.64 12.57 49.86
CA ASP E 149 21.87 13.75 49.45
C ASP E 149 22.13 14.10 47.98
N TYR E 150 21.77 13.16 47.11
CA TYR E 150 21.94 13.33 45.66
C TYR E 150 20.65 12.98 44.94
N PHE E 151 20.43 13.65 43.80
CA PHE E 151 19.29 13.39 42.94
C PHE E 151 19.62 13.92 41.56
N PRO E 152 19.24 13.21 40.48
CA PRO E 152 18.58 11.90 40.45
C PRO E 152 19.53 10.76 40.11
N GLU E 153 19.06 9.52 40.18
CA GLU E 153 19.88 8.39 39.80
C GLU E 153 20.15 8.41 38.29
N PRO E 154 21.26 7.79 37.85
CA PRO E 154 22.28 7.08 38.62
C PRO E 154 23.54 7.90 38.85
N VAL E 155 24.54 7.27 39.47
CA VAL E 155 25.83 7.91 39.77
C VAL E 155 26.93 7.04 39.22
N THR E 156 27.88 7.65 38.51
CA THR E 156 29.04 6.93 38.01
C THR E 156 30.15 6.96 39.05
N VAL E 157 30.67 5.77 39.40
CA VAL E 157 31.66 5.65 40.45
C VAL E 157 32.85 4.86 39.91
N SER E 158 34.03 5.14 40.48
CA SER E 158 35.24 4.42 40.12
C SER E 158 36.27 4.63 41.22
N TRP E 159 37.32 3.83 41.19
CA TRP E 159 38.43 3.96 42.11
C TRP E 159 39.70 4.24 41.33
N ASN E 160 40.48 5.22 41.81
CA ASN E 160 41.71 5.67 41.13
C ASN E 160 41.42 6.12 39.70
N SER E 161 40.26 6.75 39.50
CA SER E 161 39.84 7.26 38.19
C SER E 161 39.86 6.16 37.13
N GLY E 162 39.21 5.05 37.45
CA GLY E 162 39.14 3.92 36.53
C GLY E 162 40.47 3.24 36.28
N ALA E 163 41.32 3.14 37.29
CA ALA E 163 42.59 2.44 37.16
C ALA E 163 42.55 1.03 37.74
N LEU E 164 41.39 0.58 38.22
CA LEU E 164 41.25 -0.76 38.77
C LEU E 164 39.88 -1.28 38.37
N THR E 165 39.85 -2.41 37.68
CA THR E 165 38.62 -2.98 37.12
C THR E 165 38.30 -4.32 37.77
N SER E 166 38.51 -4.44 39.08
CA SER E 166 38.20 -5.67 39.79
C SER E 166 37.91 -5.37 41.24
N GLY E 167 37.14 -6.25 41.88
CA GLY E 167 36.86 -6.13 43.30
C GLY E 167 36.09 -4.88 43.69
N VAL E 168 35.10 -4.50 42.89
CA VAL E 168 34.29 -3.32 43.16
C VAL E 168 32.81 -3.74 43.19
N HIS E 169 32.06 -3.15 44.11
CA HIS E 169 30.63 -3.38 44.22
C HIS E 169 29.90 -2.04 44.26
N THR E 170 28.73 -1.99 43.65
CA THR E 170 27.91 -0.80 43.60
C THR E 170 26.55 -1.08 44.24
N PHE E 171 26.00 -0.06 44.88
CA PHE E 171 24.83 -0.23 45.75
C PHE E 171 23.62 0.48 45.14
N PRO E 172 22.64 -0.24 44.62
CA PRO E 172 21.45 0.43 44.08
C PRO E 172 20.75 1.24 45.17
N ALA E 173 20.60 2.54 44.93
CA ALA E 173 20.06 3.43 45.93
C ALA E 173 18.63 3.07 46.27
N VAL E 174 18.28 3.27 47.55
CA VAL E 174 16.95 2.99 48.06
C VAL E 174 16.41 4.26 48.69
N LEU E 175 15.17 4.62 48.33
CA LEU E 175 14.57 5.85 48.82
C LEU E 175 14.37 5.76 50.32
N GLN E 176 14.95 6.70 51.06
CA GLN E 176 14.86 6.71 52.51
C GLN E 176 13.69 7.59 52.95
N SER E 177 13.57 7.82 54.26
CA SER E 177 12.39 8.50 54.79
C SER E 177 12.38 9.98 54.45
N SER E 178 13.53 10.65 54.59
CA SER E 178 13.57 12.11 54.44
C SER E 178 13.37 12.56 52.99
N GLY E 179 13.44 11.65 52.02
CA GLY E 179 13.10 11.98 50.65
C GLY E 179 14.26 12.17 49.70
N LEU E 180 15.40 11.53 49.93
CA LEU E 180 16.52 11.58 48.99
C LEU E 180 17.15 10.21 48.81
N TYR E 181 18.31 10.16 48.17
CA TYR E 181 18.95 8.92 47.80
C TYR E 181 20.39 8.89 48.29
N SER E 182 20.92 7.69 48.47
CA SER E 182 22.28 7.52 48.97
C SER E 182 22.86 6.23 48.41
N LEU E 183 24.19 6.16 48.40
CA LEU E 183 24.89 4.97 47.90
C LEU E 183 26.22 4.83 48.62
N SER E 184 26.72 3.61 48.66
CA SER E 184 28.05 3.32 49.22
C SER E 184 28.71 2.24 48.38
N SER E 185 29.97 2.48 48.00
CA SER E 185 30.74 1.52 47.22
C SER E 185 31.95 1.07 48.03
N VAL E 186 32.20 -0.23 48.04
CA VAL E 186 33.25 -0.82 48.86
C VAL E 186 34.15 -1.67 47.98
N VAL E 187 35.46 -1.62 48.25
CA VAL E 187 36.45 -2.42 47.55
C VAL E 187 37.31 -3.15 48.57
N THR E 188 37.56 -4.44 48.34
CA THR E 188 38.34 -5.27 49.24
C THR E 188 39.77 -5.37 48.70
N VAL E 189 40.74 -5.01 49.54
CA VAL E 189 42.15 -5.06 49.17
C VAL E 189 42.93 -5.74 50.28
N PRO E 190 44.02 -6.44 49.98
CA PRO E 190 44.82 -7.06 51.03
C PRO E 190 45.50 -6.01 51.91
N SER E 191 45.76 -6.39 53.16
CA SER E 191 46.38 -5.49 54.12
C SER E 191 47.83 -5.14 53.78
N SER E 192 48.44 -5.85 52.83
CA SER E 192 49.83 -5.57 52.48
C SER E 192 49.97 -4.30 51.64
N SER E 193 48.95 -3.94 50.87
CA SER E 193 49.05 -2.85 49.90
C SER E 193 48.40 -1.56 50.37
N LEU E 194 48.10 -1.43 51.67
CA LEU E 194 47.46 -0.21 52.17
C LEU E 194 48.41 0.98 52.22
N GLY E 195 49.71 0.75 52.39
CA GLY E 195 50.67 1.83 52.58
C GLY E 195 51.56 2.15 51.42
N THR E 196 51.24 1.71 50.20
CA THR E 196 52.10 1.93 49.04
C THR E 196 51.50 2.90 48.05
N GLN E 197 50.28 2.66 47.57
CA GLN E 197 49.65 3.48 46.55
C GLN E 197 48.52 4.32 47.16
N THR E 198 48.14 5.36 46.44
CA THR E 198 47.10 6.28 46.86
C THR E 198 45.77 5.86 46.24
N TYR E 199 44.73 5.76 47.06
CA TYR E 199 43.41 5.36 46.61
C TYR E 199 42.55 6.61 46.42
N ILE E 200 41.98 6.74 45.22
CA ILE E 200 41.15 7.89 44.86
C ILE E 200 39.78 7.37 44.48
N CYS E 201 38.75 7.88 45.16
CA CYS E 201 37.36 7.63 44.82
C CYS E 201 36.91 8.71 43.86
N ASN E 202 36.47 8.30 42.67
CA ASN E 202 36.13 9.22 41.59
C ASN E 202 34.63 9.09 41.34
N VAL E 203 33.90 10.20 41.52
CA VAL E 203 32.45 10.21 41.42
C VAL E 203 32.04 11.24 40.36
N ASN E 204 31.35 10.78 39.32
CA ASN E 204 30.79 11.65 38.30
C ASN E 204 29.27 11.59 38.31
N HIS E 205 28.67 12.77 38.18
CA HIS E 205 27.22 12.94 38.11
C HIS E 205 26.92 13.80 36.88
N LYS E 206 26.46 13.14 35.81
CA LYS E 206 26.12 13.87 34.59
C LYS E 206 24.95 14.84 34.79
N PRO E 207 23.82 14.46 35.42
CA PRO E 207 22.74 15.45 35.60
C PRO E 207 23.19 16.67 36.38
N SER E 208 24.07 16.51 37.36
CA SER E 208 24.66 17.64 38.07
C SER E 208 26.03 18.01 37.52
N ASN E 209 26.49 17.34 36.47
CA ASN E 209 27.77 17.59 35.78
C ASN E 209 28.90 17.92 36.76
N THR E 210 29.05 17.05 37.76
CA THR E 210 30.06 17.24 38.79
C THR E 210 30.95 16.02 38.89
N LYS E 211 32.26 16.24 38.88
CA LYS E 211 33.25 15.18 39.06
C LYS E 211 34.10 15.50 40.28
N VAL E 212 34.20 14.54 41.19
CA VAL E 212 34.90 14.74 42.47
C VAL E 212 35.85 13.58 42.70
N ASP E 213 37.09 13.91 43.07
CA ASP E 213 38.09 12.94 43.48
C ASP E 213 38.37 13.10 44.97
N LYS E 214 38.31 12.00 45.71
CA LYS E 214 38.53 12.01 47.14
C LYS E 214 39.61 11.00 47.50
N LYS E 215 40.58 11.41 48.31
CA LYS E 215 41.67 10.53 48.75
C LYS E 215 41.21 9.72 49.95
N VAL E 216 41.50 8.42 49.92
CA VAL E 216 41.11 7.50 50.99
C VAL E 216 42.38 6.91 51.58
N GLU E 217 42.52 6.99 52.90
CA GLU E 217 43.65 6.44 53.61
C GLU E 217 43.19 5.70 54.85
N PRO E 218 43.88 4.64 55.24
CA PRO E 218 43.49 3.90 56.45
C PRO E 218 43.70 4.73 57.70
N LYS E 219 42.88 4.45 58.71
CA LYS E 219 42.96 5.12 60.00
C LYS E 219 43.39 4.11 61.06
N SER E 220 44.33 4.52 61.90
CA SER E 220 44.83 3.66 62.98
C SER E 220 45.47 4.48 64.09
N ASP F 1 -12.89 -10.39 32.09
CA ASP F 1 -11.46 -10.21 32.28
C ASP F 1 -10.80 -11.51 32.72
N ILE F 2 -9.48 -11.57 32.60
CA ILE F 2 -8.70 -12.77 32.93
C ILE F 2 -7.54 -12.38 33.83
N GLN F 3 -7.35 -13.16 34.90
CA GLN F 3 -6.24 -12.98 35.82
C GLN F 3 -5.28 -14.17 35.69
N LEU F 4 -3.99 -13.88 35.86
CA LEU F 4 -2.93 -14.86 35.65
C LEU F 4 -2.13 -15.04 36.93
N THR F 5 -1.66 -16.27 37.14
CA THR F 5 -0.78 -16.57 38.26
C THR F 5 0.41 -17.41 37.78
N GLN F 6 1.54 -17.23 38.47
CA GLN F 6 2.77 -17.93 38.15
C GLN F 6 3.20 -18.80 39.32
N SER F 7 3.88 -19.91 39.00
CA SER F 7 4.34 -20.83 40.03
C SER F 7 5.65 -21.49 39.61
N PRO F 8 6.69 -21.43 40.45
CA PRO F 8 6.78 -20.71 41.73
C PRO F 8 7.06 -19.23 41.51
N ASP F 9 6.89 -18.38 42.52
CA ASP F 9 7.21 -16.97 42.35
C ASP F 9 8.72 -16.73 42.35
N SER F 10 9.48 -17.57 43.03
CA SER F 10 10.93 -17.51 43.03
C SER F 10 11.49 -18.89 42.75
N LEU F 11 12.65 -18.94 42.10
CA LEU F 11 13.21 -20.21 41.67
C LEU F 11 14.73 -20.10 41.59
N ALA F 12 15.40 -21.21 41.84
CA ALA F 12 16.86 -21.25 41.76
C ALA F 12 17.30 -22.70 41.60
N VAL F 13 17.91 -23.03 40.46
CA VAL F 13 18.42 -24.36 40.18
C VAL F 13 19.85 -24.23 39.69
N SER F 14 20.63 -25.31 39.80
CA SER F 14 22.02 -25.31 39.41
C SER F 14 22.16 -25.29 37.88
N LEU F 15 23.39 -25.38 37.41
CA LEU F 15 23.69 -25.27 35.99
C LEU F 15 23.67 -26.64 35.33
N GLY F 16 22.92 -26.76 34.24
CA GLY F 16 22.93 -27.96 33.43
C GLY F 16 21.74 -28.88 33.54
N GLU F 17 20.60 -28.38 34.03
CA GLU F 17 19.40 -29.19 34.18
C GLU F 17 18.20 -28.43 33.62
N ARG F 18 17.01 -29.00 33.81
CA ARG F 18 15.78 -28.44 33.29
C ARG F 18 15.16 -27.50 34.31
N ALA F 19 14.67 -26.36 33.84
CA ALA F 19 13.97 -25.38 34.68
C ALA F 19 12.51 -25.31 34.22
N THR F 20 11.58 -25.47 35.16
CA THR F 20 10.16 -25.51 34.86
C THR F 20 9.42 -24.39 35.58
N ILE F 21 8.55 -23.72 34.83
CA ILE F 21 7.69 -22.65 35.36
C ILE F 21 6.27 -22.94 34.89
N ASN F 22 5.28 -22.56 35.68
CA ASN F 22 3.89 -22.81 35.36
C ASN F 22 3.10 -21.52 35.38
N CYS F 23 2.21 -21.36 34.40
CA CYS F 23 1.33 -20.21 34.29
C CYS F 23 -0.11 -20.70 34.24
N LYS F 24 -0.94 -20.20 35.15
CA LYS F 24 -2.31 -20.64 35.30
C LYS F 24 -3.27 -19.48 35.11
N SER F 25 -4.32 -19.71 34.33
CA SER F 25 -5.31 -18.70 33.95
C SER F 25 -6.69 -19.12 34.46
N SER F 26 -7.72 -18.37 34.04
CA SER F 26 -9.08 -18.61 34.48
C SER F 26 -9.97 -19.12 33.35
N GLN F 27 -10.05 -18.39 32.25
CA GLN F 27 -10.91 -18.78 31.13
C GLN F 27 -10.11 -19.55 30.09
N SER F 28 -10.81 -20.39 29.34
CA SER F 28 -10.18 -21.16 28.28
C SER F 28 -9.58 -20.23 27.24
N VAL F 29 -8.34 -20.49 26.85
CA VAL F 29 -7.61 -19.61 25.94
C VAL F 29 -7.43 -20.30 24.60
N LEU F 30 -8.34 -21.21 24.26
CA LEU F 30 -8.33 -21.89 22.98
C LEU F 30 -9.36 -21.21 22.08
N TYR F 31 -8.91 -20.74 20.92
CA TYR F 31 -9.79 -20.01 20.02
C TYR F 31 -10.77 -20.97 19.34
N SER F 32 -11.84 -20.40 18.80
CA SER F 32 -12.88 -21.21 18.17
C SER F 32 -12.43 -21.73 16.80
N SER F 33 -12.11 -20.81 15.89
CA SER F 33 -11.77 -21.21 14.53
C SER F 33 -10.36 -21.80 14.46
N ILE F 34 -9.43 -21.25 15.24
CA ILE F 34 -8.03 -21.70 15.22
C ILE F 34 -7.76 -22.52 16.47
N ASN F 35 -7.18 -23.70 16.29
CA ASN F 35 -6.85 -24.58 17.40
C ASN F 35 -5.43 -24.38 17.91
N LYS F 36 -5.10 -23.14 18.27
CA LYS F 36 -3.79 -22.79 18.82
C LYS F 36 -3.98 -21.90 20.04
N ASN F 37 -3.31 -22.27 21.13
CA ASN F 37 -3.51 -21.57 22.39
C ASN F 37 -2.86 -20.18 22.37
N TYR F 38 -3.53 -19.23 23.00
CA TYR F 38 -3.13 -17.81 22.93
C TYR F 38 -2.33 -17.42 24.17
N LEU F 39 -1.08 -17.89 24.21
CA LEU F 39 -0.17 -17.55 25.29
C LEU F 39 1.17 -17.13 24.71
N ALA F 40 1.84 -16.20 25.39
CA ALA F 40 3.18 -15.76 25.02
C ALA F 40 4.07 -15.78 26.26
N TRP F 41 5.35 -16.06 26.02
CA TRP F 41 6.34 -16.17 27.09
C TRP F 41 7.49 -15.21 26.80
N TYR F 42 7.77 -14.34 27.78
CA TYR F 42 8.72 -13.25 27.70
C TYR F 42 9.86 -13.48 28.69
N GLN F 43 11.01 -12.88 28.38
CA GLN F 43 12.13 -12.81 29.31
C GLN F 43 12.62 -11.38 29.39
N GLN F 44 13.26 -11.06 30.51
CA GLN F 44 13.76 -9.70 30.75
C GLN F 44 14.99 -9.80 31.64
N LYS F 45 16.16 -9.59 31.06
CA LYS F 45 17.35 -9.43 31.88
C LYS F 45 17.32 -8.04 32.53
N PRO F 46 17.83 -7.92 33.76
CA PRO F 46 17.74 -6.64 34.46
C PRO F 46 18.47 -5.54 33.71
N GLY F 47 17.87 -4.34 33.72
CA GLY F 47 18.44 -3.19 33.04
C GLY F 47 18.22 -3.16 31.54
N GLN F 48 17.40 -4.06 31.00
CA GLN F 48 17.17 -4.13 29.56
C GLN F 48 15.69 -4.25 29.27
N PRO F 49 15.25 -3.78 28.11
CA PRO F 49 13.84 -3.94 27.75
C PRO F 49 13.50 -5.40 27.53
N PRO F 50 12.25 -5.80 27.80
CA PRO F 50 11.89 -7.22 27.65
C PRO F 50 12.00 -7.68 26.20
N LYS F 51 12.32 -8.96 26.05
CA LYS F 51 12.56 -9.56 24.73
C LYS F 51 11.80 -10.87 24.66
N LEU F 52 10.84 -10.95 23.75
CA LEU F 52 9.98 -12.12 23.65
C LEU F 52 10.78 -13.36 23.24
N LEU F 53 10.34 -14.52 23.72
CA LEU F 53 10.87 -15.79 23.26
C LEU F 53 9.81 -16.64 22.59
N ILE F 54 8.65 -16.82 23.21
CA ILE F 54 7.65 -17.76 22.74
C ILE F 54 6.39 -16.99 22.38
N TYR F 55 5.91 -17.18 21.16
CA TYR F 55 4.63 -16.64 20.74
C TYR F 55 3.73 -17.77 20.25
N TRP F 56 2.43 -17.65 20.58
CA TRP F 56 1.41 -18.66 20.32
C TRP F 56 1.63 -19.93 21.13
N ALA F 57 2.42 -19.84 22.21
CA ALA F 57 2.53 -20.83 23.28
C ALA F 57 3.15 -22.15 22.85
N SER F 58 3.44 -22.36 21.57
CA SER F 58 4.03 -23.62 21.12
C SER F 58 5.11 -23.44 20.07
N THR F 59 5.51 -22.22 19.76
CA THR F 59 6.50 -21.95 18.73
C THR F 59 7.72 -21.26 19.33
N ARG F 60 8.73 -21.06 18.48
CA ARG F 60 9.97 -20.41 18.86
C ARG F 60 10.25 -19.27 17.90
N GLU F 61 10.43 -18.07 18.44
CA GLU F 61 10.73 -16.91 17.61
C GLU F 61 12.11 -17.05 16.98
N SER F 62 12.28 -16.43 15.82
CA SER F 62 13.55 -16.50 15.11
C SER F 62 14.65 -15.81 15.90
N GLY F 63 15.83 -16.44 15.92
CA GLY F 63 16.98 -15.87 16.56
C GLY F 63 17.17 -16.21 18.02
N VAL F 64 16.42 -17.17 18.56
CA VAL F 64 16.57 -17.57 19.95
C VAL F 64 17.15 -18.98 20.00
N PRO F 65 17.84 -19.36 21.07
CA PRO F 65 18.36 -20.72 21.17
C PRO F 65 17.24 -21.74 21.22
N ASP F 66 17.58 -22.96 20.78
CA ASP F 66 16.61 -24.05 20.71
C ASP F 66 16.57 -24.89 21.98
N ARG F 67 17.19 -24.43 23.07
CA ARG F 67 17.15 -25.13 24.35
C ARG F 67 15.94 -24.74 25.19
N PHE F 68 14.89 -24.21 24.56
CA PHE F 68 13.67 -23.80 25.24
C PHE F 68 12.49 -24.62 24.73
N SER F 69 11.47 -24.76 25.56
CA SER F 69 10.29 -25.51 25.15
C SER F 69 9.11 -25.10 26.00
N GLY F 70 7.90 -25.40 25.50
CA GLY F 70 6.68 -25.13 26.23
C GLY F 70 5.66 -26.23 26.00
N SER F 71 4.66 -26.25 26.87
CA SER F 71 3.59 -27.24 26.80
C SER F 71 2.41 -26.70 27.60
N GLY F 72 1.38 -27.52 27.73
CA GLY F 72 0.20 -27.16 28.49
C GLY F 72 -1.05 -27.14 27.62
N SER F 73 -2.18 -26.97 28.30
CA SER F 73 -3.47 -27.01 27.63
C SER F 73 -4.51 -26.37 28.55
N GLY F 74 -5.73 -26.23 28.04
CA GLY F 74 -6.83 -25.73 28.83
C GLY F 74 -6.55 -24.37 29.43
N THR F 75 -6.32 -24.35 30.74
CA THR F 75 -6.00 -23.12 31.45
C THR F 75 -4.65 -23.18 32.16
N ASP F 76 -3.91 -24.26 32.05
CA ASP F 76 -2.61 -24.38 32.71
C ASP F 76 -1.52 -24.67 31.67
N PHE F 77 -0.39 -23.99 31.82
CA PHE F 77 0.67 -24.03 30.81
C PHE F 77 2.02 -24.12 31.50
N THR F 78 2.98 -24.75 30.81
CA THR F 78 4.30 -25.02 31.35
C THR F 78 5.38 -24.51 30.41
N LEU F 79 6.45 -23.98 30.98
CA LEU F 79 7.63 -23.55 30.25
C LEU F 79 8.85 -24.28 30.81
N THR F 80 9.65 -24.87 29.95
CA THR F 80 10.80 -25.65 30.37
C THR F 80 12.03 -25.23 29.56
N ILE F 81 13.04 -24.73 30.27
CA ILE F 81 14.35 -24.45 29.67
C ILE F 81 15.25 -25.64 29.93
N SER F 82 15.71 -26.28 28.85
CA SER F 82 16.57 -27.45 28.95
C SER F 82 18.03 -27.02 29.01
N SER F 83 18.73 -27.44 30.05
CA SER F 83 20.15 -27.14 30.25
C SER F 83 20.38 -25.63 30.28
N LEU F 84 19.81 -24.99 31.31
CA LEU F 84 20.00 -23.55 31.48
C LEU F 84 21.48 -23.24 31.67
N GLN F 85 21.89 -22.09 31.15
CA GLN F 85 23.29 -21.67 31.20
C GLN F 85 23.44 -20.46 32.10
N ALA F 86 24.69 -19.98 32.22
CA ALA F 86 24.97 -18.87 33.11
C ALA F 86 24.42 -17.56 32.56
N GLU F 87 24.26 -17.45 31.24
CA GLU F 87 23.77 -16.23 30.61
C GLU F 87 22.25 -16.21 30.47
N ASP F 88 21.56 -17.21 30.99
CA ASP F 88 20.11 -17.30 30.90
C ASP F 88 19.41 -16.80 32.16
N VAL F 89 20.16 -16.23 33.11
CA VAL F 89 19.54 -15.64 34.28
C VAL F 89 18.76 -14.40 33.87
N ALA F 90 17.48 -14.34 34.24
CA ALA F 90 16.60 -13.25 33.85
C ALA F 90 15.33 -13.35 34.68
N VAL F 91 14.33 -12.53 34.33
CA VAL F 91 13.00 -12.56 34.93
C VAL F 91 12.01 -12.87 33.82
N TYR F 92 11.24 -13.94 33.99
CA TYR F 92 10.37 -14.43 32.93
C TYR F 92 8.92 -14.03 33.20
N TYR F 93 8.09 -14.16 32.17
CA TYR F 93 6.71 -13.67 32.21
C TYR F 93 5.84 -14.48 31.27
N CYS F 94 4.57 -14.64 31.65
CA CYS F 94 3.56 -15.25 30.79
C CYS F 94 2.43 -14.25 30.57
N GLN F 95 1.86 -14.25 29.36
CA GLN F 95 0.80 -13.30 29.04
C GLN F 95 -0.13 -13.89 27.99
N GLN F 96 -1.42 -13.91 28.30
CA GLN F 96 -2.42 -14.37 27.34
C GLN F 96 -2.93 -13.21 26.49
N TYR F 97 -3.42 -13.54 25.31
CA TYR F 97 -4.04 -12.55 24.42
C TYR F 97 -5.30 -13.12 23.78
N TYR F 98 -6.13 -13.77 24.58
CA TYR F 98 -7.40 -14.26 24.06
C TYR F 98 -8.31 -13.10 23.66
N SER F 99 -8.36 -12.05 24.48
CA SER F 99 -9.19 -10.89 24.16
C SER F 99 -8.72 -9.73 25.03
N THR F 100 -9.16 -8.54 24.65
CA THR F 100 -8.86 -7.36 25.44
C THR F 100 -9.57 -7.46 26.79
N PRO F 101 -8.86 -7.24 27.91
CA PRO F 101 -7.45 -6.87 28.02
C PRO F 101 -6.49 -8.04 28.26
N TYR F 102 -5.18 -7.79 28.14
CA TYR F 102 -4.17 -8.76 28.48
C TYR F 102 -3.50 -8.32 29.77
N THR F 103 -3.08 -9.28 30.58
CA THR F 103 -2.40 -8.95 31.82
C THR F 103 -1.36 -10.01 32.13
N PHE F 104 -0.17 -9.57 32.52
CA PHE F 104 0.91 -10.46 32.88
C PHE F 104 0.76 -10.91 34.33
N GLY F 105 1.58 -11.88 34.71
CA GLY F 105 1.65 -12.32 36.08
C GLY F 105 2.56 -11.41 36.91
N GLN F 106 2.75 -11.81 38.16
CA GLN F 106 3.60 -11.03 39.06
C GLN F 106 5.05 -11.06 38.61
N GLY F 107 5.56 -12.24 38.29
CA GLY F 107 6.94 -12.38 37.83
C GLY F 107 7.71 -13.47 38.56
N THR F 108 8.65 -14.07 37.84
CA THR F 108 9.48 -15.14 38.38
C THR F 108 10.95 -14.83 38.14
N LYS F 109 11.77 -15.08 39.15
CA LYS F 109 13.21 -14.83 39.08
C LYS F 109 13.96 -16.15 39.07
N VAL F 110 14.99 -16.24 38.23
CA VAL F 110 15.77 -17.46 38.05
C VAL F 110 17.19 -17.21 38.55
N GLU F 111 17.70 -18.13 39.36
CA GLU F 111 19.02 -18.02 39.94
C GLU F 111 19.74 -19.35 39.83
N ILE F 112 21.07 -19.32 39.84
CA ILE F 112 21.89 -20.52 39.71
C ILE F 112 22.22 -21.01 41.12
N LYS F 113 21.71 -22.19 41.47
CA LYS F 113 21.96 -22.79 42.76
C LYS F 113 23.35 -23.42 42.79
N ARG F 114 23.98 -23.39 43.95
CA ARG F 114 25.31 -23.98 44.13
C ARG F 114 25.49 -24.30 45.61
N THR F 115 26.73 -24.58 46.01
CA THR F 115 27.03 -24.96 47.37
C THR F 115 27.18 -23.73 48.27
N VAL F 116 26.97 -23.96 49.58
CA VAL F 116 27.13 -22.88 50.56
C VAL F 116 28.60 -22.50 50.66
N ALA F 117 28.85 -21.23 50.99
CA ALA F 117 30.20 -20.70 51.11
C ALA F 117 30.33 -19.85 52.37
N ALA F 118 31.54 -19.75 52.88
CA ALA F 118 31.80 -18.95 54.07
C ALA F 118 31.79 -17.47 53.72
N PRO F 119 30.99 -16.66 54.39
CA PRO F 119 30.92 -15.23 54.08
C PRO F 119 31.89 -14.41 54.93
N SER F 120 31.95 -13.12 54.62
CA SER F 120 32.80 -12.17 55.34
C SER F 120 31.91 -11.15 56.02
N VAL F 121 32.17 -10.87 57.29
CA VAL F 121 31.36 -9.96 58.09
C VAL F 121 32.22 -8.77 58.50
N PHE F 122 31.85 -7.58 58.02
CA PHE F 122 32.56 -6.34 58.31
C PHE F 122 31.60 -5.35 58.96
N ILE F 123 32.15 -4.35 59.64
CA ILE F 123 31.34 -3.28 60.23
C ILE F 123 32.20 -2.02 60.29
N PHE F 124 31.59 -0.87 59.96
CA PHE F 124 32.34 0.36 59.84
C PHE F 124 31.60 1.52 60.50
N PRO F 125 32.29 2.30 61.32
CA PRO F 125 31.70 3.51 61.91
C PRO F 125 31.99 4.71 61.03
N PRO F 126 31.46 5.90 61.35
CA PRO F 126 31.77 7.07 60.55
C PRO F 126 32.97 7.88 61.02
N SER F 127 33.18 9.05 60.42
CA SER F 127 34.40 9.82 60.67
C SER F 127 34.10 11.25 61.07
N ASP F 128 35.16 12.07 61.16
CA ASP F 128 35.03 13.43 61.68
C ASP F 128 34.12 14.28 60.80
N GLU F 129 34.24 14.14 59.48
CA GLU F 129 33.43 14.94 58.57
C GLU F 129 31.94 14.64 58.75
N GLN F 130 31.59 13.37 58.93
CA GLN F 130 30.19 13.04 59.18
C GLN F 130 29.72 13.59 60.51
N LEU F 131 30.60 13.61 61.52
CA LEU F 131 30.26 14.24 62.79
C LEU F 131 29.98 15.72 62.60
N LYS F 132 30.79 16.41 61.78
CA LYS F 132 30.55 17.81 61.50
C LYS F 132 29.28 18.01 60.70
N SER F 133 28.89 17.02 59.90
CA SER F 133 27.66 17.12 59.11
C SER F 133 26.44 17.26 60.01
N GLY F 134 26.37 16.47 61.08
CA GLY F 134 25.26 16.55 62.00
C GLY F 134 24.59 15.22 62.26
N THR F 135 24.81 14.24 61.40
CA THR F 135 24.25 12.91 61.54
C THR F 135 25.37 11.90 61.82
N ALA F 136 24.97 10.68 62.16
CA ALA F 136 25.89 9.59 62.39
C ALA F 136 25.35 8.34 61.69
N SER F 137 26.15 7.80 60.76
CA SER F 137 25.77 6.64 59.98
C SER F 137 26.81 5.54 60.18
N VAL F 138 26.36 4.38 60.65
CA VAL F 138 27.21 3.23 60.87
C VAL F 138 26.70 2.10 59.99
N VAL F 139 27.60 1.46 59.24
CA VAL F 139 27.20 0.54 58.18
C VAL F 139 27.80 -0.84 58.46
N CYS F 140 26.94 -1.86 58.44
CA CYS F 140 27.35 -3.25 58.60
C CYS F 140 27.32 -3.94 57.25
N LEU F 141 28.43 -4.59 56.89
CA LEU F 141 28.59 -5.24 55.59
C LEU F 141 28.65 -6.75 55.76
N LEU F 142 28.02 -7.47 54.86
CA LEU F 142 28.15 -8.91 54.77
C LEU F 142 28.41 -9.25 53.30
N ASN F 143 29.56 -9.86 53.04
CA ASN F 143 30.12 -9.93 51.69
C ASN F 143 30.35 -11.37 51.27
N ASN F 144 30.13 -11.65 49.98
CA ASN F 144 30.36 -12.96 49.38
C ASN F 144 29.69 -14.07 50.21
N PHE F 145 28.38 -14.01 50.27
CA PHE F 145 27.59 -14.93 51.06
C PHE F 145 26.67 -15.74 50.16
N TYR F 146 26.18 -16.85 50.70
CA TYR F 146 25.20 -17.69 50.01
C TYR F 146 24.69 -18.70 51.03
N PRO F 147 23.39 -19.06 51.03
CA PRO F 147 22.26 -18.51 50.25
C PRO F 147 21.98 -17.02 50.48
N ARG F 148 20.93 -16.52 49.82
CA ARG F 148 20.54 -15.12 49.97
C ARG F 148 20.12 -14.81 51.41
N GLU F 149 19.38 -15.70 52.04
CA GLU F 149 18.82 -15.44 53.36
C GLU F 149 19.94 -15.33 54.40
N ALA F 150 19.96 -14.21 55.11
CA ALA F 150 20.92 -13.98 56.19
C ALA F 150 20.43 -12.80 57.02
N LYS F 151 20.30 -13.01 58.32
CA LYS F 151 19.74 -11.98 59.21
C LYS F 151 20.86 -11.11 59.75
N VAL F 152 20.69 -9.80 59.63
CA VAL F 152 21.63 -8.82 60.16
C VAL F 152 20.89 -7.95 61.17
N GLN F 153 21.42 -7.88 62.39
CA GLN F 153 20.76 -7.19 63.48
C GLN F 153 21.73 -6.24 64.17
N TRP F 154 21.17 -5.25 64.84
CA TRP F 154 21.92 -4.20 65.53
C TRP F 154 21.81 -4.39 67.04
N LYS F 155 22.64 -3.65 67.77
CA LYS F 155 22.55 -3.58 69.21
C LYS F 155 23.26 -2.31 69.67
N VAL F 156 22.54 -1.43 70.35
CA VAL F 156 23.12 -0.20 70.87
C VAL F 156 23.05 -0.27 72.39
N ASP F 157 24.21 -0.32 73.04
CA ASP F 157 24.31 -0.44 74.49
C ASP F 157 23.46 -1.60 75.01
N ASN F 158 23.52 -2.72 74.28
CA ASN F 158 22.72 -3.91 74.59
C ASN F 158 21.23 -3.59 74.63
N ALA F 159 20.77 -2.80 73.66
CA ALA F 159 19.36 -2.45 73.54
C ALA F 159 18.94 -2.54 72.08
N LEU F 160 17.73 -3.03 71.86
CA LEU F 160 17.18 -3.22 70.52
C LEU F 160 16.67 -1.90 69.96
N GLN F 161 16.52 -1.85 68.65
CA GLN F 161 16.02 -0.69 67.94
C GLN F 161 14.96 -1.11 66.94
N SER F 162 14.10 -0.16 66.58
CA SER F 162 13.05 -0.39 65.59
C SER F 162 12.93 0.83 64.70
N GLY F 163 12.79 0.59 63.40
CA GLY F 163 12.64 1.68 62.44
C GLY F 163 13.86 2.58 62.35
N ASN F 164 15.05 2.00 62.33
CA ASN F 164 16.28 2.78 62.25
C ASN F 164 17.32 2.21 61.29
N SER F 165 17.04 1.09 60.63
CA SER F 165 18.02 0.41 59.80
C SER F 165 17.48 0.28 58.38
N GLN F 166 18.35 0.51 57.40
CA GLN F 166 17.98 0.41 56.00
C GLN F 166 18.89 -0.63 55.36
N GLU F 167 18.30 -1.63 54.72
CA GLU F 167 19.05 -2.79 54.22
C GLU F 167 19.00 -2.85 52.70
N SER F 168 20.18 -2.97 52.09
CA SER F 168 20.33 -2.97 50.64
C SER F 168 21.11 -4.19 50.20
N VAL F 169 20.67 -4.80 49.11
CA VAL F 169 21.24 -6.03 48.58
C VAL F 169 21.60 -5.82 47.11
N THR F 170 22.80 -6.26 46.73
CA THR F 170 23.24 -6.18 45.34
C THR F 170 22.82 -7.41 44.56
N GLU F 171 22.98 -7.32 43.24
CA GLU F 171 22.57 -8.38 42.34
C GLU F 171 23.65 -9.45 42.24
N GLN F 172 23.51 -10.34 41.26
CA GLN F 172 24.44 -11.44 41.08
C GLN F 172 25.82 -10.93 40.65
N ASP F 173 26.84 -11.71 40.99
CA ASP F 173 28.21 -11.42 40.61
C ASP F 173 28.65 -12.34 39.47
N SER F 174 29.29 -11.74 38.45
CA SER F 174 29.68 -12.50 37.27
C SER F 174 30.81 -13.48 37.55
N LYS F 175 31.58 -13.28 38.63
CA LYS F 175 32.74 -14.12 38.87
C LYS F 175 32.35 -15.46 39.50
N ASP F 176 31.73 -15.42 40.68
CA ASP F 176 31.37 -16.65 41.37
C ASP F 176 29.97 -16.61 41.98
N SER F 177 29.11 -15.71 41.50
CA SER F 177 27.72 -15.60 41.96
C SER F 177 27.65 -15.37 43.47
N THR F 178 28.19 -14.24 43.90
CA THR F 178 28.21 -13.85 45.30
C THR F 178 27.53 -12.50 45.47
N TYR F 179 27.00 -12.26 46.67
CA TYR F 179 26.19 -11.10 46.96
C TYR F 179 26.79 -10.33 48.13
N SER F 180 26.45 -9.04 48.20
CA SER F 180 26.84 -8.19 49.32
C SER F 180 25.60 -7.48 49.86
N LEU F 181 25.48 -7.45 51.18
CA LEU F 181 24.34 -6.85 51.86
C LEU F 181 24.86 -5.80 52.84
N SER F 182 24.23 -4.64 52.83
CA SER F 182 24.58 -3.54 53.73
C SER F 182 23.38 -3.19 54.60
N SER F 183 23.62 -2.99 55.89
CA SER F 183 22.63 -2.48 56.82
C SER F 183 23.17 -1.18 57.38
N THR F 184 22.53 -0.07 57.04
CA THR F 184 22.97 1.24 57.49
C THR F 184 22.04 1.77 58.57
N LEU F 185 22.63 2.26 59.65
CA LEU F 185 21.91 2.88 60.75
C LEU F 185 22.29 4.34 60.83
N THR F 186 21.28 5.22 60.80
CA THR F 186 21.48 6.65 60.89
C THR F 186 20.81 7.19 62.14
N LEU F 187 21.46 8.16 62.78
CA LEU F 187 20.93 8.74 64.02
C LEU F 187 21.48 10.14 64.18
N SER F 188 20.92 10.85 65.15
CA SER F 188 21.31 12.23 65.41
C SER F 188 22.62 12.29 66.19
N LYS F 189 23.28 13.44 66.11
CA LYS F 189 24.52 13.66 66.85
C LYS F 189 24.26 13.68 68.35
N ALA F 190 23.14 14.28 68.77
CA ALA F 190 22.79 14.29 70.19
C ALA F 190 22.58 12.88 70.71
N ASP F 191 21.91 12.03 69.92
CA ASP F 191 21.79 10.62 70.28
C ASP F 191 23.13 9.90 70.15
N TYR F 192 23.98 10.34 69.21
CA TYR F 192 25.29 9.71 69.05
C TYR F 192 26.15 9.88 70.30
N GLU F 193 26.14 11.08 70.88
CA GLU F 193 26.96 11.34 72.05
C GLU F 193 26.31 10.83 73.34
N LYS F 194 25.05 10.39 73.29
CA LYS F 194 24.39 9.81 74.43
C LYS F 194 24.55 8.29 74.50
N HIS F 195 25.08 7.67 73.45
CA HIS F 195 25.26 6.23 73.38
C HIS F 195 26.71 5.92 73.07
N LYS F 196 27.20 4.80 73.60
CA LYS F 196 28.63 4.50 73.57
C LYS F 196 28.97 3.25 72.78
N VAL F 197 28.35 2.11 73.07
CA VAL F 197 28.77 0.82 72.53
C VAL F 197 27.80 0.38 71.45
N TYR F 198 28.34 0.01 70.29
CA TYR F 198 27.56 -0.50 69.18
C TYR F 198 28.04 -1.88 68.79
N ALA F 199 27.09 -2.74 68.40
CA ALA F 199 27.37 -4.11 68.05
C ALA F 199 26.50 -4.55 66.88
N CYS F 200 27.06 -5.37 66.01
CA CYS F 200 26.36 -5.99 64.90
C CYS F 200 26.37 -7.50 65.09
N GLU F 201 25.22 -8.13 64.90
CA GLU F 201 25.10 -9.58 64.95
C GLU F 201 24.61 -10.12 63.62
N VAL F 202 25.27 -11.18 63.16
CA VAL F 202 25.00 -11.80 61.86
C VAL F 202 24.60 -13.25 62.11
N THR F 203 23.49 -13.67 61.52
CA THR F 203 23.03 -15.05 61.61
C THR F 203 22.83 -15.59 60.20
N HIS F 204 23.41 -16.76 59.93
CA HIS F 204 23.30 -17.36 58.62
C HIS F 204 23.39 -18.88 58.76
N GLN F 205 22.82 -19.58 57.78
CA GLN F 205 22.86 -21.05 57.80
C GLN F 205 24.30 -21.56 57.65
N GLY F 206 25.18 -20.78 57.03
CA GLY F 206 26.56 -21.16 56.88
C GLY F 206 27.45 -20.84 58.06
N LEU F 207 26.89 -20.29 59.13
CA LEU F 207 27.64 -19.95 60.34
C LEU F 207 27.27 -20.92 61.45
N SER F 208 28.29 -21.47 62.11
CA SER F 208 28.03 -22.37 63.24
C SER F 208 27.33 -21.63 64.37
N SER F 209 27.74 -20.41 64.65
CA SER F 209 27.14 -19.55 65.66
C SER F 209 26.97 -18.15 65.11
N PRO F 210 25.98 -17.40 65.58
CA PRO F 210 25.86 -16.00 65.18
C PRO F 210 27.12 -15.22 65.55
N VAL F 211 27.54 -14.34 64.64
CA VAL F 211 28.78 -13.60 64.78
C VAL F 211 28.48 -12.23 65.37
N THR F 212 29.19 -11.89 66.44
CA THR F 212 29.04 -10.61 67.13
C THR F 212 30.27 -9.75 66.88
N LYS F 213 30.04 -8.47 66.56
CA LYS F 213 31.11 -7.49 66.40
C LYS F 213 30.71 -6.25 67.18
N SER F 214 31.35 -6.04 68.33
CA SER F 214 30.98 -4.97 69.24
C SER F 214 32.18 -4.10 69.57
N PHE F 215 31.93 -2.80 69.77
CA PHE F 215 32.97 -1.89 70.20
C PHE F 215 32.36 -0.63 70.76
N ASN F 216 33.12 0.04 71.63
CA ASN F 216 32.72 1.29 72.25
C ASN F 216 33.11 2.46 71.34
N ARG F 217 32.33 3.53 71.41
CA ARG F 217 32.59 4.72 70.60
C ARG F 217 34.01 5.24 70.86
N GLY F 218 34.73 5.55 69.78
CA GLY F 218 36.07 6.07 69.87
C GLY F 218 37.15 5.04 70.08
N GLU F 219 36.81 3.75 70.18
CA GLU F 219 37.79 2.71 70.38
C GLU F 219 37.52 1.53 69.45
C1 NAG G . -1.05 -4.14 -9.96
C2 NAG G . -0.18 -4.78 -8.87
C3 NAG G . 0.88 -3.77 -8.44
C4 NAG G . 1.68 -3.32 -9.66
C5 NAG G . 0.73 -2.76 -10.72
C6 NAG G . 1.45 -2.39 -12.00
C7 NAG G . -0.50 -6.04 -6.79
C8 NAG G . -1.33 -6.17 -5.55
N2 NAG G . -0.96 -5.23 -7.74
O3 NAG G . 1.73 -4.35 -7.47
O4 NAG G . 2.57 -2.29 -9.24
O5 NAG G . -0.28 -3.72 -11.07
O6 NAG G . 2.08 -3.52 -12.58
O7 NAG G . 0.56 -6.67 -6.94
C1 NAG G . 3.91 -2.82 -9.21
C2 NAG G . 4.87 -1.74 -8.72
C3 NAG G . 6.30 -2.25 -8.81
C4 NAG G . 6.43 -3.55 -8.03
C5 NAG G . 5.41 -4.56 -8.54
C6 NAG G . 5.41 -5.84 -7.75
C7 NAG G . 4.15 0.58 -8.89
C8 NAG G . 4.07 1.79 -9.75
N2 NAG G . 4.70 -0.51 -9.45
O3 NAG G . 7.17 -1.25 -8.32
O4 NAG G . 7.73 -4.10 -8.24
O5 NAG G . 4.09 -4.01 -8.45
O6 NAG G . 5.22 -5.59 -6.36
O7 NAG G . 3.72 0.55 -7.74
C1 BMA G . 8.63 -3.74 -7.19
C2 BMA G . 9.64 -4.84 -7.05
C3 BMA G . 10.69 -4.49 -6.01
C4 BMA G . 11.34 -3.17 -6.38
C5 BMA G . 10.27 -2.09 -6.53
C6 BMA G . 10.83 -0.78 -7.02
O2 BMA G . 10.25 -5.11 -8.31
O3 BMA G . 11.67 -5.52 -5.96
O4 BMA G . 12.24 -2.77 -5.35
O5 BMA G . 9.29 -2.50 -7.50
O6 BMA G . 11.80 -0.27 -6.10
#